data_8BVF
#
_entry.id   8BVF
#
_cell.length_a   95.580
_cell.length_b   95.580
_cell.length_c   229.522
_cell.angle_alpha   90.00
_cell.angle_beta   90.00
_cell.angle_gamma   90.00
#
_symmetry.space_group_name_H-M   'P 43 21 2'
#
loop_
_entity.id
_entity.type
_entity.pdbx_description
1 polymer 'Molybdopterin molybdenumtransferase'
2 polymer 'Cell division protein FtsZ'
3 non-polymer 'SODIUM ION'
4 non-polymer 'SULFATE ION'
5 water water
#
loop_
_entity_poly.entity_id
_entity_poly.type
_entity_poly.pdbx_seq_one_letter_code
_entity_poly.pdbx_strand_id
1 'polypeptide(L)'
;MRSVEQQLSIVTEAAVAPEPVRIAIAEALGLMCAEEVQASRALPGFAQAAIDGYAVRAVDVGGEKSLSQQLPVAPPEKSL
PVVGEVAAGSQQPLRLQPKQAVMVHTGAPLPMLADAVLPMAWSDRGRKRVTAQRPVRSGEFVRKEGDDIQPGDIAVSAGA
VLGPAQIGLLAAVGRSKVLVYPRPRMSVISVGAELVDIDRQPGLGQVYDVNSYSLAAAGREAGADVYRYGIAAGEPRRIK
EIIESQMLRSEIIVITGAVGGAGSAGVRQVLNELGDIDTERVAMHPGSVQGFGLLGENKIPCFLLPSNPVASLVIFETFV
RPVVRMSLGKSNAARRVVRARALNHVVSVAGRKGFIRSRLMRDAETQDYLVEALGGATGAPSHLLAGLSEANGMIRIPED
VTEIRPGDVVDVIFLAQGR
;
A,B
2 'polypeptide(L)' DDLDVPSFLQ C,D
#
loop_
_chem_comp.id
_chem_comp.type
_chem_comp.name
_chem_comp.formula
NA non-polymer 'SODIUM ION' 'Na 1'
SO4 non-polymer 'SULFATE ION' 'O4 S -2'
#
# COMPACT_ATOMS: atom_id res chain seq x y z
N MET A 1 13.57 18.53 29.97
CA MET A 1 13.89 17.49 29.01
C MET A 1 13.27 16.16 29.45
N ARG A 2 12.63 15.46 28.52
CA ARG A 2 12.09 14.13 28.76
C ARG A 2 12.88 13.12 27.96
N SER A 3 12.84 11.88 28.43
CA SER A 3 13.44 10.82 27.66
C SER A 3 12.54 10.49 26.46
N VAL A 4 13.11 9.77 25.49
CA VAL A 4 12.30 9.28 24.37
C VAL A 4 11.15 8.40 24.89
N GLU A 5 11.40 7.61 25.94
CA GLU A 5 10.38 6.71 26.49
C GLU A 5 9.21 7.50 27.07
N GLN A 6 9.49 8.56 27.84
CA GLN A 6 8.41 9.35 28.44
C GLN A 6 7.55 10.01 27.38
N GLN A 7 8.18 10.62 26.35
CA GLN A 7 7.42 11.28 25.30
C GLN A 7 6.64 10.28 24.48
N LEU A 8 7.25 9.12 24.18
CA LEU A 8 6.53 8.09 23.47
C LEU A 8 5.31 7.63 24.26
N SER A 9 5.45 7.55 25.58
CA SER A 9 4.33 7.14 26.40
C SER A 9 3.19 8.14 26.36
N ILE A 10 3.52 9.44 26.46
CA ILE A 10 2.51 10.49 26.50
C ILE A 10 1.69 10.50 25.21
N VAL A 11 2.36 10.44 24.06
CA VAL A 11 1.63 10.57 22.80
C VAL A 11 0.82 9.32 22.52
N THR A 12 1.34 8.15 22.91
CA THR A 12 0.62 6.90 22.66
C THR A 12 -0.66 6.84 23.47
N GLU A 13 -0.59 7.27 24.74
CA GLU A 13 -1.77 7.29 25.59
C GLU A 13 -2.85 8.21 25.04
N ALA A 14 -2.46 9.21 24.25
CA ALA A 14 -3.37 10.21 23.71
C ALA A 14 -4.01 9.81 22.38
N ALA A 15 -3.69 8.65 21.83
CA ALA A 15 -4.19 8.31 20.52
C ALA A 15 -5.72 8.27 20.52
N VAL A 16 -6.34 8.74 19.44
CA VAL A 16 -7.78 8.73 19.32
C VAL A 16 -8.20 7.59 18.40
N ALA A 17 -9.07 6.71 18.87
CA ALA A 17 -9.62 5.66 18.01
C ALA A 17 -10.73 6.25 17.13
N PRO A 18 -10.63 6.16 15.81
CA PRO A 18 -11.69 6.69 14.95
C PRO A 18 -12.99 5.92 15.12
N GLU A 19 -14.09 6.64 14.99
CA GLU A 19 -15.42 6.03 15.11
C GLU A 19 -15.70 5.15 13.87
N PRO A 20 -16.44 4.06 14.04
CA PRO A 20 -16.78 3.23 12.87
C PRO A 20 -17.67 3.96 11.89
N VAL A 21 -17.49 3.64 10.60
CA VAL A 21 -18.21 4.28 9.49
C VAL A 21 -18.67 3.22 8.50
N ARG A 22 -19.78 3.50 7.84
CA ARG A 22 -20.35 2.60 6.84
C ARG A 22 -19.93 3.06 5.44
N ILE A 23 -19.20 2.22 4.70
CA ILE A 23 -18.64 2.59 3.40
C ILE A 23 -18.82 1.47 2.37
N ALA A 24 -18.73 1.84 1.10
CA ALA A 24 -18.79 0.89 -0.01
C ALA A 24 -17.77 -0.23 0.17
N ILE A 25 -18.21 -1.46 -0.10
CA ILE A 25 -17.37 -2.61 0.25
C ILE A 25 -16.07 -2.59 -0.55
N ALA A 26 -16.10 -2.03 -1.77
CA ALA A 26 -14.88 -1.91 -2.56
C ALA A 26 -13.81 -1.10 -1.83
N GLU A 27 -14.22 -0.08 -1.09
CA GLU A 27 -13.29 0.81 -0.39
C GLU A 27 -12.88 0.30 0.99
N ALA A 28 -13.34 -0.88 1.39
CA ALA A 28 -13.05 -1.46 2.69
C ALA A 28 -11.84 -2.37 2.67
N LEU A 29 -11.23 -2.60 1.52
CA LEU A 29 -10.09 -3.51 1.41
C LEU A 29 -9.01 -3.14 2.42
N GLY A 30 -8.61 -4.13 3.22
CA GLY A 30 -7.59 -3.97 4.23
C GLY A 30 -8.07 -3.39 5.56
N LEU A 31 -9.31 -2.92 5.65
CA LEU A 31 -9.83 -2.37 6.89
C LEU A 31 -10.49 -3.45 7.73
N MET A 32 -10.59 -3.19 9.04
CA MET A 32 -11.15 -4.16 9.96
C MET A 32 -12.66 -3.98 10.06
N CYS A 33 -13.39 -5.10 9.95
CA CYS A 33 -14.84 -5.06 10.01
C CYS A 33 -15.29 -4.70 11.42
N ALA A 34 -16.27 -3.80 11.51
CA ALA A 34 -16.78 -3.34 12.80
C ALA A 34 -18.15 -3.94 13.13
N GLU A 35 -18.60 -4.93 12.37
CA GLU A 35 -19.92 -5.52 12.56
C GLU A 35 -19.89 -6.99 12.17
N GLU A 36 -20.83 -7.75 12.71
CA GLU A 36 -21.09 -9.10 12.24
C GLU A 36 -22.10 -9.03 11.10
N VAL A 37 -21.76 -9.64 9.96
CA VAL A 37 -22.63 -9.65 8.79
C VAL A 37 -23.21 -11.05 8.65
N GLN A 38 -24.52 -11.16 8.78
CA GLN A 38 -25.21 -12.43 8.65
C GLN A 38 -25.93 -12.53 7.31
N ALA A 39 -25.85 -13.72 6.72
CA ALA A 39 -26.69 -14.05 5.57
C ALA A 39 -28.16 -14.06 5.96
N SER A 40 -29.01 -13.52 5.08
CA SER A 40 -30.45 -13.60 5.25
C SER A 40 -31.15 -14.48 4.22
N ARG A 41 -30.62 -14.59 3.00
CA ARG A 41 -31.14 -15.45 1.94
C ARG A 41 -30.27 -16.69 1.74
N ALA A 42 -30.84 -17.71 1.10
CA ALA A 42 -30.04 -18.87 0.70
C ALA A 42 -29.20 -18.57 -0.55
N LEU A 43 -28.00 -19.16 -0.59
CA LEU A 43 -27.11 -19.02 -1.74
C LEU A 43 -26.66 -20.40 -2.19
N PRO A 44 -26.87 -20.79 -3.45
CA PRO A 44 -27.64 -20.10 -4.49
C PRO A 44 -29.10 -20.13 -4.13
N GLY A 45 -29.90 -19.18 -4.62
CA GLY A 45 -31.30 -19.11 -4.26
C GLY A 45 -32.19 -20.15 -4.91
N PHE A 46 -31.63 -20.98 -5.78
CA PHE A 46 -32.34 -21.97 -6.56
C PHE A 46 -31.34 -23.06 -6.91
N ALA A 47 -31.82 -24.29 -7.12
CA ALA A 47 -30.93 -25.34 -7.59
C ALA A 47 -30.48 -25.01 -8.99
N GLN A 48 -29.17 -25.05 -9.23
CA GLN A 48 -28.66 -24.69 -10.55
C GLN A 48 -27.72 -25.76 -11.08
N ALA A 49 -27.72 -25.92 -12.41
CA ALA A 49 -26.79 -26.84 -13.04
C ALA A 49 -25.37 -26.37 -12.82
N ALA A 50 -24.50 -27.28 -12.40
CA ALA A 50 -23.10 -26.97 -12.25
C ALA A 50 -22.31 -27.08 -13.54
N ILE A 51 -22.85 -27.71 -14.58
CA ILE A 51 -22.14 -27.99 -15.82
C ILE A 51 -23.14 -27.94 -16.96
N ASP A 52 -22.63 -27.96 -18.19
CA ASP A 52 -23.49 -28.18 -19.34
C ASP A 52 -23.89 -29.64 -19.39
N GLY A 53 -25.17 -29.90 -19.64
CA GLY A 53 -25.62 -31.26 -19.77
C GLY A 53 -27.12 -31.39 -19.89
N TYR A 54 -27.68 -32.42 -19.30
CA TYR A 54 -29.11 -32.69 -19.39
C TYR A 54 -29.63 -32.90 -17.99
N ALA A 55 -30.53 -32.02 -17.58
CA ALA A 55 -31.29 -32.23 -16.36
C ALA A 55 -32.19 -33.44 -16.52
N VAL A 56 -32.14 -34.33 -15.54
CA VAL A 56 -32.85 -35.60 -15.58
C VAL A 56 -33.24 -35.98 -14.15
N ARG A 57 -34.18 -36.91 -14.05
CA ARG A 57 -34.31 -37.72 -12.85
C ARG A 57 -33.23 -38.79 -12.91
N ALA A 58 -32.39 -38.86 -11.87
CA ALA A 58 -31.36 -39.89 -11.78
C ALA A 58 -31.92 -41.26 -12.11
N VAL A 59 -33.10 -41.58 -11.58
CA VAL A 59 -33.67 -42.89 -11.83
C VAL A 59 -33.89 -43.18 -13.31
N ASP A 60 -33.96 -42.15 -14.14
CA ASP A 60 -34.22 -42.40 -15.56
C ASP A 60 -32.97 -42.77 -16.35
N VAL A 61 -31.79 -42.75 -15.72
CA VAL A 61 -30.56 -43.01 -16.46
C VAL A 61 -29.77 -44.06 -15.68
N GLY A 62 -30.48 -44.84 -14.86
CA GLY A 62 -29.84 -45.90 -14.13
C GLY A 62 -29.37 -45.52 -12.75
N GLY A 63 -29.69 -44.32 -12.27
CA GLY A 63 -29.16 -43.81 -11.03
C GLY A 63 -29.66 -44.51 -9.77
N GLU A 64 -30.75 -45.26 -9.85
CA GLU A 64 -31.23 -46.04 -8.72
C GLU A 64 -31.03 -47.54 -8.90
N LYS A 65 -30.36 -47.96 -9.96
CA LYS A 65 -29.99 -49.37 -10.16
C LYS A 65 -28.89 -49.78 -9.18
N LYS A 78 -31.57 -47.26 -22.86
CA LYS A 78 -32.77 -46.58 -23.33
C LYS A 78 -32.55 -45.06 -23.36
N SER A 79 -32.93 -44.40 -24.45
CA SER A 79 -32.74 -42.98 -24.63
C SER A 79 -33.90 -42.16 -24.03
N LEU A 80 -33.64 -40.88 -23.79
CA LEU A 80 -34.67 -39.95 -23.35
C LEU A 80 -34.89 -38.86 -24.39
N PRO A 81 -36.13 -38.45 -24.64
CA PRO A 81 -36.36 -37.29 -25.51
C PRO A 81 -35.82 -36.03 -24.85
N VAL A 82 -35.27 -35.14 -25.67
CA VAL A 82 -34.78 -33.83 -25.23
C VAL A 82 -35.85 -32.81 -25.57
N VAL A 83 -36.60 -32.37 -24.56
CA VAL A 83 -37.82 -31.59 -24.75
C VAL A 83 -37.63 -30.11 -24.42
N GLY A 84 -36.42 -29.66 -24.14
CA GLY A 84 -36.27 -28.25 -23.81
C GLY A 84 -34.81 -27.88 -23.59
N GLU A 85 -34.59 -26.57 -23.46
CA GLU A 85 -33.25 -26.03 -23.24
C GLU A 85 -33.31 -24.82 -22.32
N VAL A 86 -32.43 -24.77 -21.32
CA VAL A 86 -32.39 -23.68 -20.33
C VAL A 86 -30.99 -23.11 -20.30
N ALA A 87 -30.87 -21.80 -20.53
CA ALA A 87 -29.61 -21.09 -20.42
C ALA A 87 -29.49 -20.38 -19.07
N ALA A 88 -28.25 -20.03 -18.72
CA ALA A 88 -28.02 -19.26 -17.51
C ALA A 88 -28.82 -17.97 -17.60
N GLY A 89 -29.36 -17.53 -16.46
CA GLY A 89 -30.19 -16.35 -16.44
C GLY A 89 -31.64 -16.56 -16.82
N SER A 90 -32.03 -17.79 -17.18
CA SER A 90 -33.44 -18.08 -17.43
C SER A 90 -34.25 -17.76 -16.18
N GLN A 91 -35.35 -17.05 -16.36
CA GLN A 91 -36.14 -16.62 -15.23
C GLN A 91 -37.50 -17.30 -15.16
N GLN A 92 -37.83 -18.15 -16.14
CA GLN A 92 -39.16 -18.75 -16.08
C GLN A 92 -39.09 -20.19 -15.60
N PRO A 93 -39.83 -20.56 -14.56
CA PRO A 93 -39.73 -21.92 -14.01
C PRO A 93 -40.16 -22.95 -15.02
N LEU A 94 -39.45 -24.08 -15.03
CA LEU A 94 -39.74 -25.20 -15.90
C LEU A 94 -40.01 -26.46 -15.10
N ARG A 95 -40.78 -27.37 -15.68
CA ARG A 95 -41.25 -28.57 -15.00
C ARG A 95 -40.91 -29.77 -15.88
N LEU A 96 -40.11 -30.69 -15.36
CA LEU A 96 -39.73 -31.88 -16.09
C LEU A 96 -40.72 -33.01 -15.82
N GLN A 97 -41.10 -33.72 -16.88
CA GLN A 97 -41.93 -34.90 -16.71
C GLN A 97 -41.06 -36.15 -16.69
N PRO A 98 -41.57 -37.27 -16.14
CA PRO A 98 -40.78 -38.51 -16.08
C PRO A 98 -40.35 -39.00 -17.46
N LYS A 99 -39.11 -39.48 -17.53
CA LYS A 99 -38.53 -40.06 -18.74
C LYS A 99 -38.36 -39.03 -19.85
N GLN A 100 -38.03 -37.80 -19.47
CA GLN A 100 -37.69 -36.75 -20.42
C GLN A 100 -36.38 -36.11 -19.99
N ALA A 101 -35.72 -35.43 -20.93
CA ALA A 101 -34.50 -34.69 -20.63
C ALA A 101 -34.67 -33.25 -21.07
N VAL A 102 -33.99 -32.34 -20.35
CA VAL A 102 -33.92 -30.93 -20.70
C VAL A 102 -32.44 -30.54 -20.71
N MET A 103 -31.99 -29.98 -21.83
CA MET A 103 -30.60 -29.54 -21.91
C MET A 103 -30.40 -28.28 -21.05
N VAL A 104 -29.39 -28.30 -20.18
CA VAL A 104 -29.14 -27.21 -19.24
C VAL A 104 -27.72 -26.69 -19.44
N HIS A 105 -27.55 -25.38 -19.31
CA HIS A 105 -26.24 -24.74 -19.33
C HIS A 105 -25.77 -24.52 -17.90
N THR A 106 -24.45 -24.55 -17.72
CA THR A 106 -23.85 -24.18 -16.44
C THR A 106 -24.50 -22.93 -15.89
N GLY A 107 -25.01 -23.03 -14.67
CA GLY A 107 -25.61 -21.90 -13.98
C GLY A 107 -27.10 -21.75 -14.13
N ALA A 108 -27.69 -22.37 -15.16
CA ALA A 108 -29.13 -22.29 -15.38
C ALA A 108 -29.90 -22.85 -14.19
N PRO A 109 -31.12 -22.38 -13.95
CA PRO A 109 -31.96 -23.03 -12.93
C PRO A 109 -32.38 -24.41 -13.40
N LEU A 110 -32.20 -25.40 -12.51
CA LEU A 110 -32.61 -26.76 -12.82
C LEU A 110 -34.12 -26.82 -12.96
N PRO A 111 -34.64 -27.55 -13.94
CA PRO A 111 -36.09 -27.73 -14.04
C PRO A 111 -36.64 -28.43 -12.80
N MET A 112 -37.85 -28.02 -12.42
CA MET A 112 -38.52 -28.64 -11.28
C MET A 112 -38.80 -30.10 -11.58
N LEU A 113 -38.65 -30.93 -10.54
CA LEU A 113 -38.83 -32.38 -10.51
C LEU A 113 -37.66 -33.13 -11.17
N ALA A 114 -36.68 -32.45 -11.75
CA ALA A 114 -35.39 -33.04 -12.07
C ALA A 114 -34.51 -33.08 -10.81
N ASP A 115 -33.54 -33.99 -10.79
CA ASP A 115 -32.63 -34.01 -9.65
C ASP A 115 -31.16 -34.21 -9.99
N ALA A 116 -30.80 -34.27 -11.26
CA ALA A 116 -29.40 -34.51 -11.60
C ALA A 116 -29.12 -33.93 -12.97
N VAL A 117 -27.88 -33.56 -13.22
CA VAL A 117 -27.45 -33.14 -14.54
C VAL A 117 -26.51 -34.22 -15.07
N LEU A 118 -26.92 -34.85 -16.18
CA LEU A 118 -26.03 -35.77 -16.88
C LEU A 118 -25.04 -34.94 -17.70
N PRO A 119 -23.74 -35.03 -17.44
CA PRO A 119 -22.75 -34.24 -18.21
C PRO A 119 -22.87 -34.45 -19.71
N MET A 120 -22.58 -33.38 -20.44
CA MET A 120 -22.56 -33.47 -21.90
C MET A 120 -21.53 -34.50 -22.35
N ALA A 121 -20.38 -34.52 -21.69
CA ALA A 121 -19.33 -35.48 -22.04
C ALA A 121 -19.73 -36.93 -21.79
N TRP A 122 -20.82 -37.19 -21.06
CA TRP A 122 -21.29 -38.54 -20.76
C TRP A 122 -22.57 -38.90 -21.54
N SER A 123 -22.87 -38.18 -22.62
CA SER A 123 -24.13 -38.35 -23.33
C SER A 123 -23.93 -38.53 -24.83
N ASP A 124 -24.84 -39.28 -25.45
CA ASP A 124 -24.85 -39.54 -26.89
C ASP A 124 -26.10 -38.89 -27.46
N ARG A 125 -25.92 -37.73 -28.09
CA ARG A 125 -27.01 -36.85 -28.49
C ARG A 125 -27.41 -37.11 -29.94
N GLY A 126 -28.68 -37.48 -30.15
CA GLY A 126 -29.29 -37.45 -31.47
C GLY A 126 -29.70 -36.04 -31.81
N ARG A 127 -30.73 -35.91 -32.64
CA ARG A 127 -31.31 -34.60 -32.92
C ARG A 127 -32.64 -34.43 -32.20
N LYS A 128 -32.88 -35.22 -31.15
CA LYS A 128 -34.16 -35.21 -30.46
C LYS A 128 -34.04 -35.96 -29.14
N ARG A 129 -33.07 -36.86 -29.05
CA ARG A 129 -32.98 -37.81 -27.95
C ARG A 129 -31.54 -37.88 -27.47
N VAL A 130 -31.37 -38.27 -26.20
CA VAL A 130 -30.05 -38.36 -25.58
C VAL A 130 -29.92 -39.71 -24.89
N THR A 131 -28.72 -40.29 -24.96
CA THR A 131 -28.43 -41.61 -24.39
C THR A 131 -27.28 -41.48 -23.39
N ALA A 132 -27.53 -41.84 -22.14
CA ALA A 132 -26.50 -41.73 -21.11
C ALA A 132 -25.49 -42.85 -21.28
N GLN A 133 -24.21 -42.48 -21.26
CA GLN A 133 -23.15 -43.48 -21.28
C GLN A 133 -22.87 -44.04 -19.90
N ARG A 134 -23.32 -43.37 -18.86
CA ARG A 134 -23.25 -43.92 -17.53
C ARG A 134 -24.30 -43.22 -16.67
N PRO A 135 -24.65 -43.78 -15.54
CA PRO A 135 -25.63 -43.15 -14.66
C PRO A 135 -25.01 -42.02 -13.84
N VAL A 136 -25.88 -41.10 -13.43
CA VAL A 136 -25.56 -40.13 -12.39
C VAL A 136 -26.55 -40.38 -11.26
N ARG A 137 -26.13 -40.07 -10.04
CA ARG A 137 -26.98 -40.24 -8.88
C ARG A 137 -27.72 -38.93 -8.55
N SER A 138 -28.71 -39.02 -7.67
CA SER A 138 -29.48 -37.84 -7.32
C SER A 138 -28.59 -36.77 -6.73
N GLY A 139 -28.76 -35.55 -7.23
CA GLY A 139 -28.00 -34.43 -6.75
C GLY A 139 -26.71 -34.21 -7.49
N GLU A 140 -26.28 -35.17 -8.29
CA GLU A 140 -24.99 -35.04 -8.96
C GLU A 140 -24.99 -33.86 -9.94
N PHE A 141 -23.98 -33.00 -9.80
CA PHE A 141 -23.75 -31.85 -10.66
C PHE A 141 -24.82 -30.80 -10.52
N VAL A 142 -25.58 -30.85 -9.42
CA VAL A 142 -26.56 -29.84 -9.04
C VAL A 142 -25.97 -29.05 -7.87
N ARG A 143 -25.89 -27.74 -8.03
CA ARG A 143 -25.65 -26.84 -6.90
C ARG A 143 -27.01 -26.58 -6.24
N LYS A 144 -27.24 -27.23 -5.11
CA LYS A 144 -28.53 -27.15 -4.43
C LYS A 144 -28.72 -25.78 -3.78
N GLU A 145 -29.99 -25.39 -3.64
CA GLU A 145 -30.31 -24.15 -2.95
C GLU A 145 -29.72 -24.13 -1.54
N GLY A 146 -28.97 -23.07 -1.23
CA GLY A 146 -28.33 -22.94 0.07
C GLY A 146 -27.02 -23.70 0.23
N ASP A 147 -26.50 -24.29 -0.85
CA ASP A 147 -25.26 -25.03 -0.75
C ASP A 147 -24.08 -24.13 -0.42
N ASP A 148 -24.10 -22.89 -0.90
CA ASP A 148 -22.98 -21.98 -0.69
C ASP A 148 -23.10 -21.18 0.60
N ILE A 149 -24.27 -20.59 0.87
CA ILE A 149 -24.52 -19.90 2.12
C ILE A 149 -25.96 -20.18 2.55
N GLN A 150 -26.19 -20.43 3.86
CA GLN A 150 -27.54 -20.57 4.38
C GLN A 150 -27.92 -19.38 5.28
N PRO A 151 -29.21 -19.06 5.37
CA PRO A 151 -29.63 -17.94 6.24
C PRO A 151 -29.18 -18.15 7.68
N GLY A 152 -28.62 -17.10 8.26
CA GLY A 152 -28.07 -17.16 9.61
C GLY A 152 -26.57 -17.34 9.67
N ASP A 153 -25.94 -17.83 8.59
CA ASP A 153 -24.49 -18.00 8.54
C ASP A 153 -23.77 -16.66 8.68
N ILE A 154 -22.66 -16.67 9.41
CA ILE A 154 -21.82 -15.49 9.52
C ILE A 154 -20.98 -15.39 8.25
N ALA A 155 -21.27 -14.38 7.42
CA ALA A 155 -20.43 -14.14 6.27
C ALA A 155 -19.11 -13.51 6.72
N VAL A 156 -19.19 -12.48 7.57
CA VAL A 156 -18.01 -11.78 8.06
C VAL A 156 -18.21 -11.47 9.54
N SER A 157 -17.14 -11.63 10.32
CA SER A 157 -17.17 -11.37 11.76
C SER A 157 -16.64 -9.98 12.09
N ALA A 158 -17.14 -9.43 13.20
CA ALA A 158 -16.55 -8.22 13.73
C ALA A 158 -15.09 -8.48 14.08
N GLY A 159 -14.22 -7.57 13.69
CA GLY A 159 -12.81 -7.73 13.94
C GLY A 159 -12.00 -8.32 12.80
N ALA A 160 -12.64 -8.88 11.77
CA ALA A 160 -11.88 -9.48 10.67
C ALA A 160 -11.32 -8.39 9.76
N VAL A 161 -10.10 -8.58 9.30
CA VAL A 161 -9.54 -7.69 8.28
C VAL A 161 -10.18 -8.05 6.95
N LEU A 162 -10.67 -7.04 6.23
CA LEU A 162 -11.43 -7.29 5.00
C LEU A 162 -10.48 -7.43 3.83
N GLY A 163 -10.18 -8.67 3.46
CA GLY A 163 -9.41 -8.93 2.27
C GLY A 163 -10.28 -9.24 1.06
N PRO A 164 -9.66 -9.67 -0.02
CA PRO A 164 -10.44 -9.95 -1.25
C PRO A 164 -11.53 -11.01 -1.06
N ALA A 165 -11.24 -12.10 -0.33
CA ALA A 165 -12.25 -13.14 -0.10
C ALA A 165 -13.43 -12.63 0.74
N GLN A 166 -13.16 -11.86 1.81
CA GLN A 166 -14.24 -11.30 2.62
C GLN A 166 -15.07 -10.29 1.83
N ILE A 167 -14.45 -9.55 0.92
CA ILE A 167 -15.23 -8.63 0.10
C ILE A 167 -16.13 -9.41 -0.84
N GLY A 168 -15.62 -10.52 -1.39
CA GLY A 168 -16.47 -11.42 -2.16
C GLY A 168 -17.67 -11.92 -1.36
N LEU A 169 -17.43 -12.37 -0.13
CA LEU A 169 -18.55 -12.81 0.71
C LEU A 169 -19.54 -11.69 0.95
N LEU A 170 -19.06 -10.45 1.16
CA LEU A 170 -19.99 -9.33 1.33
C LEU A 170 -20.84 -9.14 0.09
N ALA A 171 -20.24 -9.33 -1.10
CA ALA A 171 -21.02 -9.21 -2.33
C ALA A 171 -21.99 -10.38 -2.48
N ALA A 172 -21.58 -11.58 -2.05
CA ALA A 172 -22.39 -12.78 -2.20
C ALA A 172 -23.69 -12.70 -1.38
N VAL A 173 -23.68 -11.99 -0.26
CA VAL A 173 -24.88 -11.80 0.54
C VAL A 173 -25.56 -10.48 0.23
N GLY A 174 -25.18 -9.81 -0.86
CA GLY A 174 -25.81 -8.55 -1.25
C GLY A 174 -25.56 -7.35 -0.37
N ARG A 175 -24.37 -7.21 0.18
CA ARG A 175 -24.02 -6.00 0.94
C ARG A 175 -23.28 -5.01 0.04
N SER A 176 -23.82 -3.80 -0.09
CA SER A 176 -23.10 -2.78 -0.84
C SER A 176 -22.27 -1.87 0.04
N LYS A 177 -22.57 -1.82 1.34
CA LYS A 177 -21.75 -1.10 2.29
C LYS A 177 -21.52 -1.99 3.51
N VAL A 178 -20.45 -1.69 4.25
CA VAL A 178 -20.06 -2.44 5.42
C VAL A 178 -19.53 -1.45 6.45
N LEU A 179 -19.78 -1.73 7.73
CA LEU A 179 -19.31 -0.88 8.81
C LEU A 179 -17.87 -1.29 9.16
N VAL A 180 -16.94 -0.33 9.06
CA VAL A 180 -15.53 -0.62 9.24
C VAL A 180 -14.90 0.36 10.22
N TYR A 181 -13.73 -0.03 10.74
CA TYR A 181 -12.89 0.89 11.49
C TYR A 181 -11.99 1.65 10.52
N PRO A 182 -12.23 2.93 10.25
CA PRO A 182 -11.48 3.62 9.21
C PRO A 182 -10.05 3.90 9.65
N ARG A 183 -9.25 4.31 8.69
CA ARG A 183 -7.92 4.78 9.02
C ARG A 183 -8.01 6.14 9.70
N PRO A 184 -7.09 6.44 10.60
CA PRO A 184 -7.12 7.74 11.27
C PRO A 184 -6.75 8.86 10.31
N ARG A 185 -7.50 9.97 10.39
CA ARG A 185 -7.29 11.09 9.48
C ARG A 185 -6.22 12.02 10.04
N MET A 186 -5.26 12.37 9.21
CA MET A 186 -4.16 13.23 9.64
C MET A 186 -4.07 14.41 8.69
N SER A 187 -3.90 15.58 9.28
CA SER A 187 -3.74 16.82 8.54
C SER A 187 -2.29 17.27 8.70
N VAL A 188 -1.62 17.61 7.60
CA VAL A 188 -0.22 18.03 7.66
C VAL A 188 -0.13 19.50 7.27
N ILE A 189 0.46 20.31 8.15
CA ILE A 189 0.47 21.77 7.98
C ILE A 189 1.90 22.29 8.10
N SER A 190 2.25 23.25 7.25
CA SER A 190 3.51 23.98 7.30
C SER A 190 3.23 25.45 7.61
N VAL A 191 3.92 25.98 8.60
CA VAL A 191 3.88 27.41 8.87
C VAL A 191 5.28 27.98 8.78
N GLY A 192 5.36 29.23 8.31
CA GLY A 192 6.63 29.90 8.10
C GLY A 192 6.45 30.99 7.07
N ALA A 193 6.77 32.23 7.41
CA ALA A 193 6.56 33.32 6.46
C ALA A 193 7.42 33.17 5.21
N GLU A 194 8.52 32.43 5.28
CA GLU A 194 9.45 32.29 4.17
C GLU A 194 9.08 31.20 3.17
N LEU A 195 8.05 30.39 3.44
CA LEU A 195 7.78 29.21 2.63
C LEU A 195 7.05 29.54 1.33
N VAL A 196 7.49 28.94 0.23
CA VAL A 196 6.75 28.97 -1.04
C VAL A 196 6.52 27.55 -1.51
N ASP A 197 5.45 27.36 -2.28
CA ASP A 197 5.17 26.03 -2.80
C ASP A 197 6.10 25.68 -3.96
N ILE A 198 6.24 24.38 -4.20
CA ILE A 198 7.26 23.89 -5.13
C ILE A 198 6.99 24.23 -6.59
N ASP A 199 5.81 24.77 -6.91
CA ASP A 199 5.58 25.21 -8.27
C ASP A 199 6.07 26.63 -8.53
N ARG A 200 6.48 27.35 -7.49
CA ARG A 200 6.97 28.71 -7.63
C ARG A 200 8.49 28.72 -7.83
N GLN A 201 9.02 29.91 -8.13
CA GLN A 201 10.45 30.12 -8.24
C GLN A 201 10.91 31.00 -7.09
N PRO A 202 11.51 30.45 -6.05
CA PRO A 202 11.73 31.22 -4.82
C PRO A 202 12.78 32.29 -5.01
N GLY A 203 12.53 33.46 -4.42
CA GLY A 203 13.49 34.54 -4.40
C GLY A 203 14.25 34.61 -3.08
N LEU A 204 14.92 35.74 -2.89
CA LEU A 204 15.75 35.92 -1.70
C LEU A 204 14.92 35.71 -0.44
N GLY A 205 15.45 34.90 0.47
CA GLY A 205 14.78 34.68 1.73
C GLY A 205 13.71 33.62 1.73
N GLN A 206 13.42 32.99 0.59
CA GLN A 206 12.28 32.07 0.51
C GLN A 206 12.75 30.62 0.37
N VAL A 207 11.98 29.72 0.99
CA VAL A 207 12.31 28.30 1.07
C VAL A 207 11.12 27.49 0.56
N TYR A 208 11.38 26.49 -0.27
CA TYR A 208 10.37 25.52 -0.64
C TYR A 208 9.85 24.81 0.59
N ASP A 209 8.54 24.58 0.61
CA ASP A 209 7.90 23.81 1.68
C ASP A 209 8.22 22.34 1.43
N VAL A 210 9.26 21.83 2.08
CA VAL A 210 9.59 20.42 1.94
C VAL A 210 8.70 19.56 2.83
N ASN A 211 8.44 20.01 4.05
CA ASN A 211 7.89 19.13 5.08
C ASN A 211 6.47 18.68 4.78
N SER A 212 5.61 19.54 4.23
CA SER A 212 4.25 19.09 4.02
C SER A 212 4.21 17.89 3.08
N TYR A 213 5.10 17.87 2.06
CA TYR A 213 5.11 16.76 1.11
C TYR A 213 5.74 15.50 1.71
N SER A 214 6.91 15.63 2.33
CA SER A 214 7.57 14.43 2.84
C SER A 214 6.79 13.83 4.00
N LEU A 215 6.22 14.69 4.86
CA LEU A 215 5.50 14.20 6.01
C LEU A 215 4.11 13.68 5.65
N ALA A 216 3.47 14.25 4.62
CA ALA A 216 2.23 13.65 4.13
C ALA A 216 2.49 12.25 3.62
N ALA A 217 3.65 12.05 2.99
CA ALA A 217 3.99 10.74 2.45
C ALA A 217 4.32 9.76 3.58
N ALA A 218 5.07 10.21 4.59
CA ALA A 218 5.34 9.36 5.74
C ALA A 218 4.05 8.93 6.44
N GLY A 219 3.07 9.84 6.53
CA GLY A 219 1.80 9.48 7.14
C GLY A 219 1.02 8.46 6.33
N ARG A 220 1.11 8.54 5.00
CA ARG A 220 0.45 7.55 4.16
C ARG A 220 1.11 6.19 4.32
N GLU A 221 2.44 6.14 4.27
CA GLU A 221 3.13 4.89 4.53
C GLU A 221 2.80 4.36 5.90
N ALA A 222 2.52 5.24 6.85
CA ALA A 222 2.23 4.78 8.20
C ALA A 222 0.84 4.19 8.31
N GLY A 223 -0.01 4.37 7.31
CA GLY A 223 -1.37 3.84 7.36
C GLY A 223 -2.45 4.86 7.63
N ALA A 224 -2.14 6.16 7.63
CA ALA A 224 -3.12 7.22 7.90
C ALA A 224 -3.87 7.65 6.64
N ASP A 225 -5.01 8.28 6.86
CA ASP A 225 -5.77 8.95 5.81
C ASP A 225 -5.37 10.42 5.85
N VAL A 226 -4.54 10.84 4.89
CA VAL A 226 -3.77 12.09 5.00
C VAL A 226 -4.39 13.16 4.11
N TYR A 227 -4.60 14.35 4.69
CA TYR A 227 -4.83 15.57 3.92
C TYR A 227 -3.60 16.47 4.13
N ARG A 228 -2.89 16.76 3.04
CA ARG A 228 -1.77 17.70 3.10
C ARG A 228 -2.35 19.10 2.96
N TYR A 229 -2.46 19.84 4.08
CA TYR A 229 -2.99 21.18 3.92
C TYR A 229 -2.02 22.06 3.16
N GLY A 230 -0.72 21.89 3.40
CA GLY A 230 0.27 22.75 2.80
C GLY A 230 0.59 23.95 3.67
N ILE A 231 0.99 25.06 3.02
CA ILE A 231 1.45 26.24 3.75
C ILE A 231 0.26 26.95 4.37
N ALA A 232 0.35 27.23 5.68
CA ALA A 232 -0.62 28.02 6.41
C ALA A 232 0.01 29.38 6.70
N ALA A 233 -0.52 30.42 6.06
CA ALA A 233 0.05 31.74 6.16
C ALA A 233 -1.02 32.72 6.63
N GLY A 234 -0.58 33.76 7.32
CA GLY A 234 -1.48 34.78 7.80
C GLY A 234 -1.18 35.19 9.22
N GLU A 235 -1.92 36.17 9.72
CA GLU A 235 -1.86 36.53 11.12
C GLU A 235 -2.42 35.41 12.00
N PRO A 236 -2.09 35.40 13.30
CA PRO A 236 -2.47 34.23 14.12
C PRO A 236 -3.96 33.95 14.14
N ARG A 237 -4.81 34.97 14.08
CA ARG A 237 -6.25 34.73 13.98
C ARG A 237 -6.57 33.86 12.76
N ARG A 238 -5.96 34.18 11.61
CA ARG A 238 -6.20 33.37 10.41
C ARG A 238 -5.60 31.97 10.55
N ILE A 239 -4.46 31.84 11.22
CA ILE A 239 -3.87 30.53 11.44
C ILE A 239 -4.77 29.70 12.36
N LYS A 240 -5.40 30.36 13.33
CA LYS A 240 -6.35 29.67 14.20
C LYS A 240 -7.52 29.09 13.40
N GLU A 241 -8.05 29.89 12.47
CA GLU A 241 -9.09 29.43 11.55
C GLU A 241 -8.66 28.17 10.79
N ILE A 242 -7.48 28.22 10.16
CA ILE A 242 -7.02 27.08 9.37
C ILE A 242 -6.91 25.84 10.25
N ILE A 243 -6.25 25.98 11.40
CA ILE A 243 -6.04 24.84 12.30
C ILE A 243 -7.37 24.29 12.80
N GLU A 244 -8.31 25.18 13.15
CA GLU A 244 -9.63 24.77 13.60
C GLU A 244 -10.36 23.97 12.53
N SER A 245 -10.23 24.39 11.28
CA SER A 245 -10.84 23.67 10.18
C SER A 245 -10.28 22.25 10.09
N GLN A 246 -9.00 22.08 10.38
CA GLN A 246 -8.41 20.74 10.34
C GLN A 246 -8.82 19.90 11.54
N MET A 247 -9.12 20.50 12.68
CA MET A 247 -9.50 19.70 13.84
C MET A 247 -10.84 19.01 13.63
N LEU A 248 -11.72 19.62 12.83
CA LEU A 248 -13.05 19.04 12.63
C LEU A 248 -12.99 17.68 11.95
N ARG A 249 -11.94 17.42 11.19
CA ARG A 249 -11.91 16.23 10.36
C ARG A 249 -10.64 15.41 10.58
N SER A 250 -10.05 15.49 11.78
CA SER A 250 -8.75 14.87 12.02
C SER A 250 -8.70 14.16 13.36
N GLU A 251 -8.03 13.00 13.37
CA GLU A 251 -7.57 12.35 14.58
C GLU A 251 -6.13 12.71 14.92
N ILE A 252 -5.38 13.24 13.96
CA ILE A 252 -3.98 13.62 14.18
C ILE A 252 -3.68 14.88 13.35
N ILE A 253 -2.95 15.81 13.95
CA ILE A 253 -2.46 16.96 13.24
C ILE A 253 -0.94 17.04 13.40
N VAL A 254 -0.25 17.37 12.30
CA VAL A 254 1.20 17.57 12.29
C VAL A 254 1.48 18.97 11.74
N ILE A 255 2.15 19.79 12.53
CA ILE A 255 2.47 21.16 12.15
C ILE A 255 3.99 21.35 12.24
N THR A 256 4.62 21.68 11.11
CA THR A 256 6.02 22.03 11.12
C THR A 256 6.19 23.55 11.11
N GLY A 257 7.26 24.01 11.76
CA GLY A 257 7.49 25.42 11.93
C GLY A 257 6.85 26.02 13.16
N ALA A 258 6.28 25.21 14.04
CA ALA A 258 5.65 25.76 15.25
C ALA A 258 6.63 25.87 16.41
N VAL A 259 7.76 25.18 16.32
CA VAL A 259 8.80 25.19 17.34
C VAL A 259 10.10 25.48 16.63
N GLY A 260 11.01 26.16 17.34
CA GLY A 260 12.31 26.41 16.76
C GLY A 260 12.52 27.88 16.51
N GLY A 261 12.59 28.26 15.23
CA GLY A 261 12.86 29.64 14.88
C GLY A 261 11.76 30.58 15.32
N ALA A 262 12.16 31.85 15.51
CA ALA A 262 11.24 32.92 15.90
C ALA A 262 10.14 33.14 14.87
N GLY A 263 9.26 34.10 15.14
CA GLY A 263 8.13 34.28 14.25
C GLY A 263 7.02 33.28 14.52
N SER A 264 7.34 32.15 15.14
CA SER A 264 6.34 31.14 15.41
C SER A 264 5.73 31.28 16.80
N ALA A 265 5.97 32.41 17.47
CA ALA A 265 5.37 32.62 18.79
C ALA A 265 3.87 32.78 18.66
N GLY A 266 3.43 33.53 17.65
CA GLY A 266 2.00 33.74 17.45
C GLY A 266 1.26 32.44 17.23
N VAL A 267 1.89 31.50 16.53
CA VAL A 267 1.27 30.20 16.28
C VAL A 267 1.14 29.42 17.59
N ARG A 268 2.20 29.41 18.41
CA ARG A 268 2.10 28.73 19.70
C ARG A 268 1.07 29.41 20.58
N GLN A 269 0.84 30.71 20.37
CA GLN A 269 -0.17 31.43 21.12
C GLN A 269 -1.59 30.97 20.78
N VAL A 270 -1.90 30.81 19.49
CA VAL A 270 -3.24 30.33 19.12
C VAL A 270 -3.41 28.87 19.50
N LEU A 271 -2.36 28.05 19.36
CA LEU A 271 -2.49 26.66 19.74
C LEU A 271 -2.81 26.54 21.22
N ASN A 272 -2.22 27.41 22.04
CA ASN A 272 -2.54 27.40 23.46
C ASN A 272 -3.99 27.79 23.73
N GLU A 273 -4.61 28.56 22.84
CA GLU A 273 -6.03 28.85 22.98
C GLU A 273 -6.91 27.70 22.49
N LEU A 274 -6.38 26.78 21.70
CA LEU A 274 -7.16 25.63 21.28
C LEU A 274 -6.93 24.40 22.13
N GLY A 275 -5.89 24.39 22.95
CA GLY A 275 -5.56 23.22 23.76
C GLY A 275 -4.34 23.52 24.59
N ASP A 276 -3.89 22.53 25.35
CA ASP A 276 -2.73 22.70 26.22
C ASP A 276 -1.50 22.20 25.49
N ILE A 277 -0.56 23.12 25.21
CA ILE A 277 0.60 22.81 24.38
C ILE A 277 1.84 22.67 25.26
N ASP A 278 2.58 21.60 25.04
CA ASP A 278 3.78 21.26 25.79
C ASP A 278 4.96 21.33 24.85
N THR A 279 6.00 22.05 25.23
CA THR A 279 7.19 22.15 24.38
C THR A 279 8.46 21.75 25.14
N GLU A 280 8.35 20.84 26.09
CA GLU A 280 9.55 20.28 26.70
C GLU A 280 10.33 19.46 25.68
N ARG A 281 11.65 19.61 25.69
CA ARG A 281 12.48 18.92 24.72
C ARG A 281 12.61 17.45 25.09
N VAL A 282 12.90 16.64 24.06
CA VAL A 282 13.16 15.21 24.23
C VAL A 282 14.66 14.96 24.16
N ALA A 283 15.16 14.08 25.04
CA ALA A 283 16.59 13.79 25.09
C ALA A 283 16.96 12.85 23.95
N MET A 284 17.00 13.43 22.75
CA MET A 284 17.33 12.69 21.55
C MET A 284 18.03 13.61 20.55
N HIS A 285 18.76 13.00 19.61
CA HIS A 285 19.32 13.79 18.53
C HIS A 285 19.29 12.96 17.25
N PRO A 286 18.87 13.55 16.12
CA PRO A 286 18.31 14.91 16.01
C PRO A 286 16.87 14.96 16.56
N GLY A 287 16.27 16.13 16.63
CA GLY A 287 14.86 16.22 16.97
C GLY A 287 14.52 16.48 18.43
N SER A 288 15.48 16.92 19.24
CA SER A 288 15.18 17.28 20.63
C SER A 288 14.20 18.44 20.71
N VAL A 289 14.21 19.34 19.73
CA VAL A 289 13.32 20.50 19.74
C VAL A 289 12.02 20.14 19.03
N GLN A 290 10.94 20.05 19.79
CA GLN A 290 9.64 19.63 19.29
C GLN A 290 8.59 20.05 20.31
N GLY A 291 7.33 19.78 19.97
CA GLY A 291 6.24 20.05 20.90
C GLY A 291 5.09 19.09 20.70
N PHE A 292 4.24 19.01 21.71
CA PHE A 292 3.08 18.13 21.65
C PHE A 292 1.95 18.74 22.49
N GLY A 293 0.73 18.58 22.00
CA GLY A 293 -0.45 19.12 22.66
C GLY A 293 -1.69 18.36 22.25
N LEU A 294 -2.79 18.66 22.95
CA LEU A 294 -4.11 18.07 22.68
C LEU A 294 -5.09 19.20 22.41
N LEU A 295 -5.71 19.18 21.24
CA LEU A 295 -6.49 20.31 20.76
C LEU A 295 -7.97 20.05 20.88
N GLY A 296 -8.70 21.05 21.38
CA GLY A 296 -10.14 21.03 21.32
C GLY A 296 -10.78 20.16 22.35
N GLU A 297 -12.11 20.08 22.23
CA GLU A 297 -12.90 19.25 23.14
C GLU A 297 -12.62 17.76 22.99
N ASN A 298 -12.21 17.31 21.81
CA ASN A 298 -11.97 15.89 21.60
C ASN A 298 -10.52 15.51 21.80
N LYS A 299 -9.68 16.43 22.28
CA LYS A 299 -8.30 16.14 22.63
C LYS A 299 -7.50 15.53 21.48
N ILE A 300 -7.58 16.14 20.29
CA ILE A 300 -6.87 15.62 19.12
C ILE A 300 -5.36 15.75 19.31
N PRO A 301 -4.58 14.68 19.15
CA PRO A 301 -3.10 14.83 19.19
C PRO A 301 -2.60 15.78 18.12
N CYS A 302 -1.78 16.73 18.56
CA CYS A 302 -1.17 17.72 17.69
C CYS A 302 0.34 17.75 17.94
N PHE A 303 1.10 17.38 16.92
CA PHE A 303 2.57 17.34 16.98
C PHE A 303 3.16 18.62 16.41
N LEU A 304 4.01 19.28 17.18
CA LEU A 304 4.75 20.44 16.70
C LEU A 304 6.14 19.98 16.32
N LEU A 305 6.45 19.99 15.02
CA LEU A 305 7.75 19.58 14.50
C LEU A 305 8.57 20.77 14.02
N PRO A 306 9.88 20.61 13.87
CA PRO A 306 10.74 21.72 13.43
C PRO A 306 10.82 21.82 11.91
N SER A 307 11.40 22.94 11.46
CA SER A 307 11.50 23.19 10.03
C SER A 307 12.54 22.31 9.36
N ASN A 308 13.54 21.86 10.10
CA ASN A 308 14.58 20.99 9.57
C ASN A 308 13.94 19.69 9.07
N PRO A 309 14.09 19.34 7.78
CA PRO A 309 13.35 18.20 7.24
C PRO A 309 13.86 16.84 7.72
N VAL A 310 15.17 16.69 7.94
CA VAL A 310 15.67 15.43 8.48
C VAL A 310 15.18 15.23 9.90
N ALA A 311 15.30 16.26 10.73
CA ALA A 311 14.80 16.16 12.09
C ALA A 311 13.30 15.85 12.10
N SER A 312 12.55 16.41 11.15
CA SER A 312 11.12 16.17 11.12
C SER A 312 10.81 14.73 10.76
N LEU A 313 11.55 14.15 9.81
CA LEU A 313 11.34 12.75 9.48
C LEU A 313 11.65 11.85 10.66
N VAL A 314 12.68 12.20 11.44
CA VAL A 314 13.05 11.39 12.59
C VAL A 314 12.01 11.49 13.70
N ILE A 315 11.52 12.70 13.97
CA ILE A 315 10.49 12.87 15.00
C ILE A 315 9.21 12.14 14.58
N PHE A 316 8.84 12.25 13.31
CA PHE A 316 7.66 11.57 12.76
C PHE A 316 7.79 10.05 12.85
N GLU A 317 8.96 9.50 12.48
CA GLU A 317 9.14 8.05 12.57
C GLU A 317 9.10 7.58 14.01
N THR A 318 9.61 8.38 14.95
CA THR A 318 9.76 7.96 16.35
C THR A 318 8.49 8.13 17.16
N PHE A 319 7.64 9.14 16.83
CA PHE A 319 6.49 9.48 17.67
C PHE A 319 5.16 9.53 16.92
N VAL A 320 5.14 10.05 15.68
CA VAL A 320 3.86 10.13 14.98
C VAL A 320 3.43 8.76 14.48
N ARG A 321 4.34 8.05 13.81
CA ARG A 321 3.99 6.73 13.29
C ARG A 321 3.44 5.79 14.35
N PRO A 322 4.00 5.70 15.58
CA PRO A 322 3.33 4.86 16.60
C PRO A 322 1.89 5.27 16.86
N VAL A 323 1.59 6.56 16.87
CA VAL A 323 0.22 7.02 17.13
C VAL A 323 -0.71 6.63 15.98
N VAL A 324 -0.22 6.68 14.74
CA VAL A 324 -1.00 6.18 13.61
C VAL A 324 -1.26 4.69 13.75
N ARG A 325 -0.24 3.92 14.14
CA ARG A 325 -0.47 2.49 14.33
C ARG A 325 -1.44 2.25 15.48
N MET A 326 -1.39 3.10 16.50
CA MET A 326 -2.27 2.94 17.66
C MET A 326 -3.71 3.32 17.34
N SER A 327 -3.91 4.48 16.70
CA SER A 327 -5.25 4.87 16.23
C SER A 327 -5.84 3.84 15.27
N LEU A 328 -4.99 3.24 14.43
CA LEU A 328 -5.48 2.31 13.42
C LEU A 328 -6.05 1.05 14.05
N GLY A 329 -5.53 0.64 15.21
CA GLY A 329 -6.06 -0.54 15.87
C GLY A 329 -5.77 -1.84 15.17
N LYS A 330 -5.02 -1.81 14.05
CA LYS A 330 -4.52 -3.04 13.47
C LYS A 330 -3.15 -3.35 14.09
N SER A 331 -2.28 -3.98 13.32
CA SER A 331 -0.97 -4.38 13.82
C SER A 331 -0.17 -3.14 14.22
N ASN A 332 0.94 -3.38 14.94
CA ASN A 332 1.88 -2.32 15.32
C ASN A 332 2.85 -1.96 14.20
N ALA A 333 3.08 -2.86 13.24
CA ALA A 333 4.06 -2.64 12.17
C ALA A 333 5.41 -2.20 12.73
N ALA A 334 5.76 -2.70 13.92
CA ALA A 334 7.00 -2.31 14.58
C ALA A 334 8.22 -2.67 13.72
N ARG A 335 9.12 -1.70 13.57
CA ARG A 335 10.26 -1.86 12.67
C ARG A 335 11.20 -2.95 13.17
N ARG A 336 11.65 -3.79 12.26
CA ARG A 336 12.69 -4.75 12.62
C ARG A 336 13.97 -4.02 12.97
N VAL A 337 14.73 -4.59 13.90
CA VAL A 337 16.01 -4.04 14.35
C VAL A 337 17.07 -5.11 14.17
N VAL A 338 18.03 -4.85 13.29
CA VAL A 338 19.12 -5.78 13.01
C VAL A 338 20.39 -5.24 13.64
N ARG A 339 21.33 -6.14 13.90
CA ARG A 339 22.66 -5.77 14.37
C ARG A 339 23.60 -5.79 13.17
N ALA A 340 24.35 -4.71 13.01
CA ALA A 340 25.19 -4.54 11.83
C ALA A 340 26.54 -4.01 12.28
N ARG A 341 27.56 -4.24 11.46
CA ARG A 341 28.88 -3.67 11.71
C ARG A 341 28.93 -2.24 11.16
N ALA A 342 29.39 -1.31 11.99
CA ALA A 342 29.54 0.08 11.57
C ALA A 342 30.73 0.23 10.62
N LEU A 343 30.51 0.89 9.49
CA LEU A 343 31.57 1.11 8.53
C LEU A 343 32.39 2.37 8.81
N ASN A 344 31.79 3.39 9.44
CA ASN A 344 32.49 4.63 9.71
C ASN A 344 32.17 5.09 11.13
N HIS A 345 32.87 6.13 11.57
CA HIS A 345 32.74 6.64 12.93
C HIS A 345 31.50 7.52 13.05
N VAL A 346 30.82 7.42 14.20
CA VAL A 346 29.69 8.29 14.53
C VAL A 346 29.83 8.74 15.98
N VAL A 347 29.65 10.02 16.23
CA VAL A 347 29.64 10.56 17.59
C VAL A 347 28.21 10.89 17.99
N SER A 348 27.98 10.89 19.30
CA SER A 348 26.65 11.16 19.83
C SER A 348 26.78 11.80 21.20
N VAL A 349 25.75 12.55 21.58
CA VAL A 349 25.79 13.36 22.79
C VAL A 349 25.44 12.46 23.97
N ALA A 350 26.22 12.57 25.05
CA ALA A 350 25.93 11.81 26.25
C ALA A 350 24.58 12.23 26.83
N GLY A 351 23.70 11.25 27.04
CA GLY A 351 22.39 11.49 27.62
C GLY A 351 21.25 11.62 26.61
N ARG A 352 21.56 11.61 25.31
CA ARG A 352 20.55 11.70 24.26
C ARG A 352 20.58 10.44 23.43
N LYS A 353 19.41 9.88 23.17
CA LYS A 353 19.32 8.78 22.22
C LYS A 353 19.55 9.31 20.81
N GLY A 354 20.50 8.72 20.10
CA GLY A 354 20.79 9.13 18.74
C GLY A 354 20.01 8.32 17.72
N PHE A 355 19.58 8.98 16.65
CA PHE A 355 18.89 8.34 15.52
C PHE A 355 19.57 8.82 14.24
N ILE A 356 20.52 8.04 13.73
CA ILE A 356 21.34 8.44 12.59
C ILE A 356 20.84 7.72 11.34
N ARG A 357 20.37 8.49 10.36
CA ARG A 357 19.95 7.89 9.10
C ARG A 357 21.14 7.26 8.41
N SER A 358 20.99 6.02 7.95
CA SER A 358 22.13 5.21 7.55
C SER A 358 21.75 4.28 6.42
N ARG A 359 22.78 3.67 5.82
CA ARG A 359 22.61 2.70 4.73
C ARG A 359 22.97 1.32 5.26
N LEU A 360 21.96 0.47 5.39
CA LEU A 360 22.15 -0.90 5.82
C LEU A 360 22.37 -1.77 4.58
N MET A 361 23.35 -2.66 4.64
CA MET A 361 23.73 -3.49 3.51
C MET A 361 24.07 -4.90 4.01
N ARG A 362 24.25 -5.82 3.06
CA ARG A 362 24.69 -7.18 3.33
C ARG A 362 26.14 -7.34 2.86
N ASP A 363 26.99 -7.89 3.72
CA ASP A 363 28.40 -8.08 3.39
C ASP A 363 28.56 -8.97 2.16
N ALA A 364 29.47 -8.58 1.27
CA ALA A 364 29.61 -9.27 -0.01
C ALA A 364 30.06 -10.71 0.16
N GLU A 365 30.77 -11.05 1.24
CA GLU A 365 31.23 -12.42 1.43
C GLU A 365 30.53 -13.09 2.60
N THR A 366 30.63 -12.52 3.80
CA THR A 366 29.88 -13.06 4.92
C THR A 366 28.44 -12.59 4.83
N GLN A 367 27.53 -13.34 5.41
CA GLN A 367 26.15 -12.89 5.29
C GLN A 367 25.84 -11.72 6.21
N ASP A 368 26.88 -11.16 6.85
CA ASP A 368 26.70 -10.13 7.88
C ASP A 368 26.11 -8.84 7.35
N TYR A 369 25.44 -8.12 8.26
CA TYR A 369 24.92 -6.79 8.00
C TYR A 369 25.99 -5.75 8.31
N LEU A 370 26.15 -4.79 7.41
CA LEU A 370 27.00 -3.64 7.62
C LEU A 370 26.12 -2.40 7.54
N VAL A 371 26.49 -1.36 8.29
CA VAL A 371 25.75 -0.11 8.30
C VAL A 371 26.72 1.04 8.12
N GLU A 372 26.37 1.97 7.24
CA GLU A 372 27.15 3.16 6.94
C GLU A 372 26.33 4.37 7.32
N ALA A 373 26.81 5.13 8.31
CA ALA A 373 26.08 6.31 8.76
C ALA A 373 26.20 7.42 7.73
N LEU A 374 25.11 8.17 7.59
CA LEU A 374 25.09 9.36 6.75
C LEU A 374 24.99 10.61 7.62
N LEU A 384 22.98 15.69 4.56
CA LEU A 384 21.57 16.03 4.36
C LEU A 384 21.10 15.51 3.01
N LEU A 385 21.92 15.71 1.96
CA LEU A 385 21.60 15.16 0.66
C LEU A 385 21.64 13.64 0.69
N ALA A 386 22.70 13.07 1.30
CA ALA A 386 22.81 11.62 1.42
C ALA A 386 21.83 11.07 2.45
N GLY A 387 21.60 11.81 3.54
CA GLY A 387 20.65 11.36 4.55
C GLY A 387 19.26 11.22 3.98
N LEU A 388 18.84 12.16 3.15
CA LEU A 388 17.57 12.10 2.46
C LEU A 388 17.62 11.29 1.17
N SER A 389 18.70 10.57 0.89
CA SER A 389 18.74 9.87 -0.38
C SER A 389 19.06 8.38 -0.25
N GLU A 390 20.32 8.08 0.03
CA GLU A 390 20.84 6.73 0.05
C GLU A 390 20.53 5.96 1.33
N ALA A 391 19.60 6.40 2.17
CA ALA A 391 19.41 5.79 3.49
C ALA A 391 18.13 4.95 3.55
N ASN A 392 18.28 3.77 4.16
CA ASN A 392 17.22 2.78 4.35
C ASN A 392 17.12 2.32 5.80
N GLY A 393 17.79 3.00 6.73
CA GLY A 393 17.79 2.54 8.10
C GLY A 393 18.22 3.65 9.02
N MET A 394 18.18 3.36 10.32
CA MET A 394 18.62 4.30 11.31
C MET A 394 19.40 3.55 12.37
N ILE A 395 20.62 4.01 12.62
CA ILE A 395 21.36 3.57 13.80
C ILE A 395 20.73 4.19 15.03
N ARG A 396 20.41 3.36 16.02
CA ARG A 396 19.78 3.84 17.25
C ARG A 396 20.85 3.84 18.34
N ILE A 397 21.34 5.03 18.69
CA ILE A 397 22.46 5.16 19.60
C ILE A 397 21.91 5.32 21.02
N PRO A 398 22.25 4.44 21.96
CA PRO A 398 21.69 4.54 23.31
C PRO A 398 22.20 5.77 24.04
N GLU A 399 21.41 6.22 25.02
CA GLU A 399 21.72 7.45 25.74
C GLU A 399 23.15 7.45 26.24
N ASP A 400 23.62 6.30 26.78
CA ASP A 400 24.94 6.21 27.39
C ASP A 400 26.05 6.17 26.35
N VAL A 401 25.80 5.57 25.18
CA VAL A 401 26.86 5.47 24.18
C VAL A 401 27.15 6.85 23.59
N THR A 402 28.43 7.22 23.56
CA THR A 402 28.86 8.51 23.04
C THR A 402 29.72 8.43 21.79
N GLU A 403 30.14 7.24 21.37
CA GLU A 403 31.07 7.11 20.27
C GLU A 403 30.86 5.77 19.59
N ILE A 404 30.90 5.78 18.26
CA ILE A 404 30.88 4.57 17.45
C ILE A 404 32.11 4.60 16.55
N ARG A 405 32.94 3.59 16.66
CA ARG A 405 34.12 3.43 15.81
C ARG A 405 33.81 2.41 14.73
N PRO A 406 34.43 2.50 13.54
CA PRO A 406 34.26 1.44 12.53
C PRO A 406 34.58 0.07 13.13
N GLY A 407 33.74 -0.90 12.81
CA GLY A 407 33.85 -2.22 13.39
C GLY A 407 32.91 -2.47 14.56
N ASP A 408 32.42 -1.41 15.21
CA ASP A 408 31.44 -1.61 16.27
C ASP A 408 30.15 -2.21 15.72
N VAL A 409 29.46 -3.00 16.56
CA VAL A 409 28.20 -3.64 16.19
C VAL A 409 27.08 -2.86 16.89
N VAL A 410 26.09 -2.41 16.10
CA VAL A 410 25.11 -1.45 16.57
C VAL A 410 23.69 -1.88 16.23
N ASP A 411 22.73 -1.26 16.90
CA ASP A 411 21.33 -1.46 16.55
C ASP A 411 20.96 -0.56 15.37
N VAL A 412 20.36 -1.15 14.34
CA VAL A 412 19.90 -0.42 13.18
C VAL A 412 18.41 -0.67 13.02
N ILE A 413 17.61 0.39 13.16
CA ILE A 413 16.19 0.33 12.82
C ILE A 413 16.07 0.24 11.30
N PHE A 414 15.49 -0.83 10.81
CA PHE A 414 15.32 -1.02 9.38
C PHE A 414 14.05 -0.32 8.93
N LEU A 415 14.17 0.57 7.95
CA LEU A 415 13.03 1.32 7.45
C LEU A 415 12.51 0.61 6.20
N ALA A 416 11.54 -0.29 6.40
CA ALA A 416 10.96 -1.12 5.36
C ALA A 416 10.32 -0.31 4.24
N MET B 1 -4.76 -30.45 -22.13
CA MET B 1 -4.36 -29.97 -20.81
C MET B 1 -2.85 -29.69 -20.74
N ARG B 2 -2.45 -28.55 -20.18
CA ARG B 2 -1.05 -28.27 -19.88
C ARG B 2 -0.84 -28.15 -18.38
N SER B 3 0.42 -28.26 -17.97
CA SER B 3 0.81 -28.15 -16.57
C SER B 3 0.74 -26.70 -16.09
N VAL B 4 0.73 -26.55 -14.76
CA VAL B 4 0.77 -25.23 -14.14
C VAL B 4 2.01 -24.46 -14.60
N GLU B 5 3.15 -25.17 -14.71
CA GLU B 5 4.40 -24.50 -15.09
C GLU B 5 4.34 -24.01 -16.53
N GLN B 6 3.80 -24.82 -17.44
CA GLN B 6 3.67 -24.37 -18.82
C GLN B 6 2.75 -23.15 -18.91
N GLN B 7 1.63 -23.17 -18.17
CA GLN B 7 0.74 -22.03 -18.20
C GLN B 7 1.40 -20.80 -17.59
N LEU B 8 2.13 -20.99 -16.49
CA LEU B 8 2.82 -19.86 -15.88
C LEU B 8 3.81 -19.23 -16.84
N SER B 9 4.51 -20.04 -17.63
CA SER B 9 5.42 -19.49 -18.62
C SER B 9 4.68 -18.67 -19.68
N ILE B 10 3.53 -19.16 -20.15
CA ILE B 10 2.82 -18.48 -21.21
C ILE B 10 2.42 -17.08 -20.77
N VAL B 11 1.83 -16.98 -19.56
CA VAL B 11 1.26 -15.69 -19.16
C VAL B 11 2.36 -14.70 -18.83
N THR B 12 3.42 -15.18 -18.17
CA THR B 12 4.49 -14.28 -17.75
C THR B 12 5.27 -13.75 -18.93
N GLU B 13 5.53 -14.59 -19.93
CA GLU B 13 6.23 -14.13 -21.12
C GLU B 13 5.49 -13.02 -21.86
N ALA B 14 4.17 -12.94 -21.71
CA ALA B 14 3.37 -11.95 -22.41
C ALA B 14 3.17 -10.66 -21.63
N ALA B 15 3.72 -10.55 -20.41
CA ALA B 15 3.43 -9.39 -19.57
C ALA B 15 3.84 -8.08 -20.24
N VAL B 16 3.00 -7.06 -20.11
CA VAL B 16 3.25 -5.75 -20.70
C VAL B 16 3.70 -4.78 -19.63
N ALA B 17 4.85 -4.19 -19.82
CA ALA B 17 5.35 -3.16 -18.92
C ALA B 17 4.62 -1.84 -19.22
N PRO B 18 4.05 -1.18 -18.21
CA PRO B 18 3.37 0.10 -18.46
C PRO B 18 4.34 1.19 -18.93
N GLU B 19 3.81 2.07 -19.75
CA GLU B 19 4.60 3.18 -20.26
C GLU B 19 4.95 4.13 -19.11
N PRO B 20 6.18 4.62 -19.04
CA PRO B 20 6.54 5.56 -17.97
C PRO B 20 5.77 6.87 -18.06
N VAL B 21 5.53 7.49 -16.90
CA VAL B 21 4.70 8.69 -16.83
C VAL B 21 5.32 9.74 -15.90
N ARG B 22 5.08 11.00 -16.25
CA ARG B 22 5.51 12.16 -15.48
C ARG B 22 4.34 12.58 -14.61
N ILE B 23 4.50 12.52 -13.29
CA ILE B 23 3.38 12.76 -12.38
C ILE B 23 3.83 13.65 -11.24
N ALA B 24 2.82 14.27 -10.60
CA ALA B 24 3.03 15.06 -9.40
C ALA B 24 3.79 14.24 -8.36
N ILE B 25 4.75 14.88 -7.68
CA ILE B 25 5.64 14.09 -6.84
C ILE B 25 4.87 13.46 -5.68
N ALA B 26 3.79 14.07 -5.18
CA ALA B 26 2.99 13.41 -4.14
C ALA B 26 2.44 12.08 -4.62
N GLU B 27 2.10 11.98 -5.91
CA GLU B 27 1.51 10.76 -6.43
C GLU B 27 2.54 9.70 -6.82
N ALA B 28 3.83 9.95 -6.59
CA ALA B 28 4.88 9.00 -6.93
C ALA B 28 5.25 8.10 -5.76
N LEU B 29 4.60 8.28 -4.61
CA LEU B 29 4.91 7.50 -3.43
C LEU B 29 4.92 6.00 -3.73
N GLY B 30 6.03 5.34 -3.38
CA GLY B 30 6.12 3.93 -3.54
C GLY B 30 6.44 3.46 -4.95
N LEU B 31 6.47 4.36 -5.93
CA LEU B 31 6.76 3.98 -7.31
C LEU B 31 8.26 4.09 -7.65
N MET B 32 8.64 3.40 -8.71
CA MET B 32 10.04 3.36 -9.10
C MET B 32 10.32 4.54 -10.00
N CYS B 33 11.38 5.28 -9.69
CA CYS B 33 11.76 6.44 -10.48
C CYS B 33 12.28 5.95 -11.85
N ALA B 34 11.79 6.57 -12.92
CA ALA B 34 12.19 6.17 -14.26
C ALA B 34 13.23 7.09 -14.86
N GLU B 35 13.81 7.98 -14.06
CA GLU B 35 14.76 8.95 -14.58
C GLU B 35 15.78 9.26 -13.51
N GLU B 36 16.92 9.79 -13.95
CA GLU B 36 17.86 10.43 -13.05
C GLU B 36 17.39 11.86 -12.85
N VAL B 37 17.26 12.28 -11.59
CA VAL B 37 16.86 13.64 -11.26
C VAL B 37 18.07 14.36 -10.67
N GLN B 38 18.51 15.43 -11.32
CA GLN B 38 19.57 16.29 -10.83
C GLN B 38 18.99 17.58 -10.29
N ALA B 39 19.55 18.07 -9.19
CA ALA B 39 19.15 19.36 -8.66
C ALA B 39 19.34 20.45 -9.72
N SER B 40 18.39 21.39 -9.75
CA SER B 40 18.53 22.56 -10.60
C SER B 40 18.82 23.82 -9.81
N ARG B 41 18.36 23.90 -8.57
CA ARG B 41 18.70 25.00 -7.69
C ARG B 41 19.77 24.53 -6.71
N ALA B 42 20.50 25.49 -6.16
CA ALA B 42 21.36 25.20 -5.01
C ALA B 42 20.53 25.18 -3.74
N LEU B 43 20.91 24.31 -2.81
CA LEU B 43 20.26 24.24 -1.50
C LEU B 43 21.33 24.36 -0.42
N PRO B 44 21.26 25.39 0.45
CA PRO B 44 20.30 26.50 0.43
C PRO B 44 20.53 27.36 -0.81
N GLY B 45 19.49 28.03 -1.28
CA GLY B 45 19.61 28.85 -2.47
C GLY B 45 20.34 30.16 -2.28
N PHE B 46 20.69 30.49 -1.05
CA PHE B 46 21.37 31.73 -0.72
C PHE B 46 22.17 31.45 0.55
N ALA B 47 23.31 32.14 0.70
CA ALA B 47 24.08 32.01 1.92
C ALA B 47 23.29 32.54 3.11
N GLN B 48 23.29 31.79 4.20
CA GLN B 48 22.52 32.11 5.39
C GLN B 48 23.41 32.10 6.61
N ALA B 49 23.05 32.90 7.60
CA ALA B 49 23.71 32.82 8.89
C ALA B 49 23.43 31.45 9.53
N ALA B 50 24.49 30.80 10.05
CA ALA B 50 24.30 29.54 10.72
C ALA B 50 23.86 29.70 12.18
N ILE B 51 23.98 30.91 12.74
CA ILE B 51 23.70 31.21 14.14
C ILE B 51 23.23 32.66 14.25
N ASP B 52 22.80 33.05 15.44
CA ASP B 52 22.55 34.46 15.74
C ASP B 52 23.87 35.17 15.97
N GLY B 53 24.05 36.32 15.30
CA GLY B 53 25.26 37.10 15.45
C GLY B 53 25.33 38.27 14.48
N TYR B 54 26.53 38.55 13.95
CA TYR B 54 26.75 39.68 13.06
C TYR B 54 27.48 39.23 11.80
N ALA B 55 26.83 39.43 10.65
CA ALA B 55 27.48 39.26 9.36
C ALA B 55 28.57 40.31 9.19
N VAL B 56 29.77 39.86 8.82
CA VAL B 56 30.96 40.69 8.79
C VAL B 56 31.85 40.23 7.66
N ARG B 57 32.89 41.02 7.37
CA ARG B 57 34.07 40.53 6.67
C ARG B 57 35.06 40.08 7.72
N ALA B 58 35.43 38.80 7.69
CA ALA B 58 36.33 38.22 8.69
C ALA B 58 37.52 39.12 8.97
N VAL B 59 38.12 39.67 7.92
CA VAL B 59 39.30 40.51 8.05
C VAL B 59 39.05 41.73 8.94
N ASP B 60 37.79 42.15 9.11
CA ASP B 60 37.47 43.28 9.96
C ASP B 60 37.32 42.89 11.41
N VAL B 61 37.42 41.60 11.74
CA VAL B 61 37.20 41.08 13.09
C VAL B 61 38.26 40.03 13.47
N GLY B 62 39.47 40.18 12.96
CA GLY B 62 40.59 39.32 13.31
C GLY B 62 40.84 38.15 12.38
N GLY B 63 40.10 38.04 11.28
CA GLY B 63 40.19 36.89 10.38
C GLY B 63 41.47 36.79 9.57
N GLU B 64 42.24 37.87 9.48
CA GLU B 64 43.45 37.85 8.66
C GLU B 64 44.72 37.75 9.49
N LYS B 65 44.62 37.40 10.77
CA LYS B 65 45.82 37.16 11.56
C LYS B 65 46.57 35.96 10.99
N SER B 66 47.89 36.11 10.93
CA SER B 66 48.79 34.99 10.65
C SER B 66 48.68 33.92 11.73
N LEU B 67 48.09 32.77 11.37
CA LEU B 67 47.71 31.75 12.36
C LEU B 67 48.90 31.13 13.11
N SER B 68 50.09 31.11 12.52
CA SER B 68 51.28 30.65 13.21
C SER B 68 51.92 31.74 14.06
N GLN B 69 51.20 32.83 14.29
CA GLN B 69 51.65 33.97 15.08
C GLN B 69 52.88 34.56 14.43
N LYS B 78 38.41 48.04 18.19
CA LYS B 78 37.57 49.14 17.70
C LYS B 78 36.24 48.60 17.15
N SER B 79 35.14 49.29 17.49
CA SER B 79 33.83 48.77 17.17
C SER B 79 33.48 49.03 15.71
N LEU B 80 32.49 48.28 15.22
CA LEU B 80 31.93 48.41 13.88
C LEU B 80 30.47 48.85 13.96
N PRO B 81 30.03 49.72 13.05
CA PRO B 81 28.61 50.08 13.01
C PRO B 81 27.74 48.88 12.61
N VAL B 82 26.59 48.76 13.23
CA VAL B 82 25.62 47.71 12.93
C VAL B 82 24.61 48.36 12.01
N VAL B 83 24.70 48.09 10.71
CA VAL B 83 23.96 48.90 9.74
C VAL B 83 22.66 48.23 9.33
N GLY B 84 22.26 47.16 9.99
CA GLY B 84 20.96 46.56 9.74
C GLY B 84 20.76 45.38 10.65
N GLU B 85 19.55 44.81 10.58
CA GLU B 85 19.23 43.58 11.30
C GLU B 85 18.36 42.73 10.38
N VAL B 86 18.71 41.45 10.23
CA VAL B 86 18.08 40.57 9.26
C VAL B 86 17.58 39.32 9.96
N ALA B 87 16.29 39.04 9.83
CA ALA B 87 15.71 37.79 10.28
C ALA B 87 15.47 36.85 9.09
N ALA B 88 15.32 35.58 9.41
CA ALA B 88 15.04 34.60 8.38
C ALA B 88 13.79 35.01 7.60
N GLY B 89 13.80 34.69 6.32
CA GLY B 89 12.70 35.06 5.47
C GLY B 89 12.74 36.49 4.98
N SER B 90 13.72 37.28 5.41
CA SER B 90 13.87 38.63 4.87
C SER B 90 14.08 38.55 3.37
N GLN B 91 13.48 39.49 2.64
CA GLN B 91 13.56 39.49 1.18
C GLN B 91 14.22 40.74 0.62
N GLN B 92 14.85 41.57 1.45
CA GLN B 92 15.43 42.76 0.87
C GLN B 92 16.96 42.67 0.84
N PRO B 93 17.57 42.90 -0.32
CA PRO B 93 19.01 42.71 -0.45
C PRO B 93 19.81 43.73 0.34
N LEU B 94 20.87 43.26 0.97
CA LEU B 94 21.82 44.10 1.67
C LEU B 94 23.20 43.91 1.05
N ARG B 95 24.05 44.91 1.27
CA ARG B 95 25.41 44.96 0.74
C ARG B 95 26.30 45.48 1.86
N LEU B 96 27.18 44.65 2.39
CA LEU B 96 28.11 45.15 3.39
C LEU B 96 29.15 46.07 2.75
N GLN B 97 29.38 47.24 3.36
CA GLN B 97 30.57 48.01 3.05
C GLN B 97 31.69 47.60 3.99
N PRO B 98 32.95 47.95 3.68
CA PRO B 98 34.04 47.57 4.59
C PRO B 98 33.87 48.19 5.97
N LYS B 99 34.20 47.39 6.99
CA LYS B 99 34.15 47.79 8.39
C LYS B 99 32.72 48.02 8.87
N GLN B 100 31.79 47.20 8.40
CA GLN B 100 30.40 47.26 8.86
C GLN B 100 29.92 45.89 9.29
N ALA B 101 28.90 45.88 10.14
CA ALA B 101 28.26 44.65 10.59
C ALA B 101 26.77 44.73 10.33
N VAL B 102 26.16 43.56 10.13
CA VAL B 102 24.71 43.45 10.09
C VAL B 102 24.33 42.36 11.09
N MET B 103 23.51 42.70 12.06
CA MET B 103 23.05 41.71 13.03
C MET B 103 22.15 40.71 12.32
N VAL B 104 22.43 39.41 12.46
CA VAL B 104 21.72 38.35 11.73
C VAL B 104 21.15 37.32 12.69
N HIS B 105 19.97 36.80 12.37
CA HIS B 105 19.38 35.67 13.08
C HIS B 105 19.59 34.38 12.30
N THR B 106 19.62 33.27 13.03
CA THR B 106 19.75 31.95 12.39
C THR B 106 18.83 31.84 11.19
N GLY B 107 19.41 31.50 10.04
CA GLY B 107 18.67 31.34 8.83
C GLY B 107 18.55 32.57 7.98
N ALA B 108 18.83 33.75 8.54
CA ALA B 108 18.71 35.00 7.80
C ALA B 108 19.63 34.98 6.57
N PRO B 109 19.23 35.65 5.48
CA PRO B 109 20.11 35.77 4.31
C PRO B 109 21.32 36.65 4.62
N LEU B 110 22.49 36.16 4.28
CA LEU B 110 23.67 36.98 4.47
C LEU B 110 23.68 38.20 3.55
N PRO B 111 24.07 39.36 4.07
CA PRO B 111 24.29 40.52 3.21
C PRO B 111 25.36 40.20 2.19
N MET B 112 25.25 40.81 1.02
CA MET B 112 26.29 40.65 0.02
C MET B 112 27.60 41.22 0.53
N LEU B 113 28.70 40.58 0.14
CA LEU B 113 30.08 40.94 0.44
C LEU B 113 30.49 40.61 1.87
N ALA B 114 29.61 40.06 2.69
CA ALA B 114 30.06 39.43 3.93
C ALA B 114 30.62 38.04 3.62
N ASP B 115 31.44 37.54 4.54
CA ASP B 115 31.97 36.20 4.40
C ASP B 115 32.03 35.42 5.72
N ALA B 116 31.49 35.94 6.81
CA ALA B 116 31.53 35.25 8.09
C ALA B 116 30.43 35.81 8.96
N VAL B 117 30.01 35.02 9.94
CA VAL B 117 29.13 35.52 10.99
C VAL B 117 29.89 35.46 12.32
N LEU B 118 30.03 36.61 12.94
CA LEU B 118 30.57 36.72 14.29
C LEU B 118 29.53 36.26 15.30
N PRO B 119 29.77 35.18 16.05
CA PRO B 119 28.78 34.73 17.03
C PRO B 119 28.41 35.85 18.02
N MET B 120 27.14 35.83 18.43
CA MET B 120 26.67 36.82 19.39
C MET B 120 27.45 36.72 20.69
N ALA B 121 27.74 35.50 21.15
CA ALA B 121 28.48 35.27 22.39
C ALA B 121 29.95 35.69 22.29
N TRP B 122 30.46 36.01 21.10
CA TRP B 122 31.85 36.43 20.93
C TRP B 122 31.93 37.92 20.66
N SER B 123 30.88 38.64 21.02
CA SER B 123 30.73 40.07 20.80
C SER B 123 30.32 40.71 22.11
N ASP B 124 30.34 42.05 22.14
CA ASP B 124 29.74 42.77 23.26
C ASP B 124 28.23 42.88 23.14
N ARG B 125 27.65 42.37 22.06
CA ARG B 125 26.20 42.31 21.84
C ARG B 125 25.59 43.68 21.59
N GLY B 126 26.39 44.65 21.15
CA GLY B 126 25.92 46.03 21.02
C GLY B 126 24.89 46.20 19.92
N ARG B 127 23.91 47.08 20.16
CA ARG B 127 22.80 47.20 19.22
C ARG B 127 23.19 48.00 17.98
N LYS B 128 23.84 49.15 18.16
CA LYS B 128 24.22 50.02 17.04
C LYS B 128 25.70 49.92 16.67
N ARG B 129 26.53 49.40 17.57
CA ARG B 129 27.96 49.23 17.33
C ARG B 129 28.38 47.97 18.05
N VAL B 130 29.07 47.09 17.35
CA VAL B 130 29.41 45.79 17.88
C VAL B 130 30.92 45.68 17.94
N THR B 131 31.42 45.06 19.00
CA THR B 131 32.84 44.82 19.20
C THR B 131 33.06 43.31 19.24
N ALA B 132 33.99 42.84 18.42
CA ALA B 132 34.36 41.44 18.46
C ALA B 132 35.29 41.20 19.63
N GLN B 133 35.06 40.11 20.34
CA GLN B 133 35.92 39.74 21.47
C GLN B 133 36.72 38.48 21.21
N ARG B 134 36.41 37.75 20.14
CA ARG B 134 37.14 36.61 19.64
C ARG B 134 37.19 36.75 18.12
N PRO B 135 38.24 36.25 17.47
CA PRO B 135 38.32 36.36 16.01
C PRO B 135 37.53 35.26 15.32
N VAL B 136 37.04 35.56 14.11
CA VAL B 136 36.48 34.54 13.24
C VAL B 136 37.18 34.58 11.89
N ARG B 137 37.26 33.43 11.25
CA ARG B 137 37.86 33.33 9.92
C ARG B 137 36.81 33.32 8.82
N SER B 138 37.28 33.57 7.60
CA SER B 138 36.39 33.65 6.46
C SER B 138 35.62 32.35 6.31
N GLY B 139 34.30 32.47 6.11
CA GLY B 139 33.43 31.34 5.94
C GLY B 139 32.77 30.83 7.21
N GLU B 140 33.28 31.19 8.39
CA GLU B 140 32.80 30.60 9.64
C GLU B 140 31.37 31.05 9.96
N PHE B 141 30.55 30.09 10.39
CA PHE B 141 29.19 30.28 10.85
C PHE B 141 28.26 30.73 9.73
N VAL B 142 28.68 30.50 8.48
CA VAL B 142 27.84 30.71 7.31
C VAL B 142 27.43 29.35 6.77
N ARG B 143 26.14 29.19 6.53
CA ARG B 143 25.65 28.11 5.66
C ARG B 143 25.77 28.62 4.23
N LYS B 144 26.79 28.17 3.50
CA LYS B 144 27.04 28.71 2.17
C LYS B 144 25.99 28.23 1.17
N GLU B 145 25.69 29.08 0.19
CA GLU B 145 24.77 28.70 -0.88
C GLU B 145 25.25 27.43 -1.55
N GLY B 146 24.37 26.41 -1.59
CA GLY B 146 24.73 25.12 -2.11
C GLY B 146 25.42 24.18 -1.14
N ASP B 147 25.49 24.52 0.15
CA ASP B 147 26.21 23.65 1.09
C ASP B 147 25.60 22.26 1.19
N ASP B 148 24.29 22.13 1.03
CA ASP B 148 23.63 20.83 1.11
C ASP B 148 23.51 20.17 -0.27
N ILE B 149 23.08 20.92 -1.29
CA ILE B 149 23.01 20.40 -2.65
C ILE B 149 23.45 21.49 -3.62
N GLN B 150 24.25 21.12 -4.62
CA GLN B 150 24.61 22.01 -5.69
C GLN B 150 23.94 21.62 -7.01
N PRO B 151 23.68 22.58 -7.89
CA PRO B 151 23.03 22.25 -9.17
C PRO B 151 23.83 21.23 -9.94
N GLY B 152 23.16 20.19 -10.40
CA GLY B 152 23.82 19.09 -11.05
C GLY B 152 24.05 17.88 -10.17
N ASP B 153 24.01 18.03 -8.85
CA ASP B 153 24.06 16.87 -7.97
C ASP B 153 22.88 15.96 -8.25
N ILE B 154 23.11 14.65 -8.18
CA ILE B 154 22.05 13.68 -8.38
C ILE B 154 21.17 13.65 -7.13
N ALA B 155 19.91 14.06 -7.27
CA ALA B 155 18.94 13.93 -6.20
C ALA B 155 18.36 12.52 -6.10
N VAL B 156 17.91 11.97 -7.23
CA VAL B 156 17.32 10.63 -7.26
C VAL B 156 17.77 9.95 -8.55
N SER B 157 18.12 8.67 -8.43
CA SER B 157 18.53 7.90 -9.60
C SER B 157 17.38 7.08 -10.14
N ALA B 158 17.43 6.83 -11.45
CA ALA B 158 16.53 5.88 -12.05
C ALA B 158 16.69 4.52 -11.36
N GLY B 159 15.56 3.86 -11.12
CA GLY B 159 15.54 2.58 -10.45
C GLY B 159 15.29 2.66 -8.96
N ALA B 160 15.40 3.85 -8.37
CA ALA B 160 15.17 4.01 -6.95
C ALA B 160 13.69 4.08 -6.65
N VAL B 161 13.26 3.43 -5.59
CA VAL B 161 11.88 3.53 -5.13
C VAL B 161 11.69 4.85 -4.39
N LEU B 162 10.66 5.59 -4.76
CA LEU B 162 10.43 6.93 -4.21
C LEU B 162 9.65 6.80 -2.91
N GLY B 163 10.34 6.92 -1.78
CA GLY B 163 9.71 7.01 -0.48
C GLY B 163 9.55 8.45 -0.01
N PRO B 164 9.17 8.63 1.27
CA PRO B 164 8.95 10.00 1.78
C PRO B 164 10.19 10.89 1.72
N ALA B 165 11.37 10.36 2.03
CA ALA B 165 12.57 11.21 2.00
C ALA B 165 12.87 11.68 0.60
N GLN B 166 12.73 10.80 -0.40
CA GLN B 166 12.97 11.21 -1.79
C GLN B 166 11.92 12.20 -2.28
N ILE B 167 10.67 12.06 -1.83
CA ILE B 167 9.67 13.05 -2.20
C ILE B 167 10.01 14.38 -1.55
N GLY B 168 10.44 14.35 -0.29
CA GLY B 168 10.97 15.55 0.34
C GLY B 168 12.15 16.12 -0.44
N LEU B 169 13.08 15.24 -0.82
CA LEU B 169 14.25 15.68 -1.58
C LEU B 169 13.84 16.31 -2.93
N LEU B 170 12.84 15.72 -3.61
CA LEU B 170 12.37 16.30 -4.87
C LEU B 170 11.78 17.69 -4.66
N ALA B 171 11.06 17.88 -3.56
CA ALA B 171 10.49 19.19 -3.29
C ALA B 171 11.59 20.20 -2.95
N ALA B 172 12.66 19.76 -2.28
CA ALA B 172 13.72 20.68 -1.89
C ALA B 172 14.44 21.27 -3.10
N VAL B 173 14.57 20.52 -4.20
CA VAL B 173 15.25 21.01 -5.39
C VAL B 173 14.27 21.58 -6.42
N GLY B 174 13.02 21.82 -6.03
CA GLY B 174 12.01 22.39 -6.89
C GLY B 174 11.53 21.53 -8.04
N ARG B 175 11.47 20.21 -7.86
CA ARG B 175 10.81 19.35 -8.83
C ARG B 175 9.40 19.09 -8.32
N SER B 176 8.40 19.46 -9.10
CA SER B 176 7.03 19.11 -8.72
C SER B 176 6.53 17.86 -9.43
N LYS B 177 7.16 17.44 -10.53
CA LYS B 177 6.78 16.22 -11.20
C LYS B 177 8.03 15.38 -11.47
N VAL B 178 7.84 14.06 -11.58
CA VAL B 178 8.92 13.12 -11.79
C VAL B 178 8.40 11.99 -12.69
N LEU B 179 9.30 11.43 -13.49
CA LEU B 179 8.98 10.29 -14.34
C LEU B 179 9.10 9.00 -13.53
N VAL B 180 8.03 8.19 -13.54
CA VAL B 180 8.01 6.98 -12.74
C VAL B 180 7.58 5.81 -13.61
N TYR B 181 7.81 4.60 -13.10
CA TYR B 181 7.18 3.40 -13.63
C TYR B 181 5.83 3.24 -12.95
N PRO B 182 4.72 3.51 -13.64
CA PRO B 182 3.42 3.48 -12.98
C PRO B 182 3.01 2.04 -12.68
N ARG B 183 1.96 1.90 -11.88
CA ARG B 183 1.42 0.58 -11.65
C ARG B 183 0.74 0.09 -12.91
N PRO B 184 0.75 -1.23 -13.15
CA PRO B 184 0.07 -1.76 -14.34
C PRO B 184 -1.44 -1.64 -14.19
N ARG B 185 -2.10 -1.22 -15.26
CA ARG B 185 -3.52 -0.97 -15.22
C ARG B 185 -4.29 -2.25 -15.52
N MET B 186 -5.20 -2.61 -14.63
CA MET B 186 -5.98 -3.83 -14.82
C MET B 186 -7.46 -3.48 -14.80
N SER B 187 -8.19 -4.06 -15.75
CA SER B 187 -9.63 -3.90 -15.87
C SER B 187 -10.30 -5.24 -15.54
N VAL B 188 -11.29 -5.22 -14.65
CA VAL B 188 -11.95 -6.45 -14.23
C VAL B 188 -13.40 -6.44 -14.73
N ILE B 189 -13.78 -7.50 -15.44
CA ILE B 189 -15.07 -7.60 -16.09
C ILE B 189 -15.74 -8.92 -15.73
N SER B 190 -17.05 -8.87 -15.54
CA SER B 190 -17.89 -10.05 -15.35
C SER B 190 -18.89 -10.13 -16.49
N VAL B 191 -18.99 -11.31 -17.11
CA VAL B 191 -20.05 -11.56 -18.09
C VAL B 191 -20.86 -12.76 -17.62
N GLY B 192 -22.16 -12.69 -17.91
CA GLY B 192 -23.09 -13.73 -17.51
C GLY B 192 -24.50 -13.21 -17.37
N ALA B 193 -25.43 -13.80 -18.13
CA ALA B 193 -26.81 -13.35 -18.10
C ALA B 193 -27.44 -13.52 -16.72
N GLU B 194 -26.87 -14.35 -15.86
CA GLU B 194 -27.42 -14.57 -14.53
C GLU B 194 -26.97 -13.52 -13.51
N LEU B 195 -26.04 -12.63 -13.88
CA LEU B 195 -25.41 -11.71 -12.93
C LEU B 195 -26.28 -10.48 -12.69
N VAL B 196 -26.44 -10.09 -11.41
CA VAL B 196 -26.99 -8.79 -11.03
C VAL B 196 -26.02 -8.11 -10.08
N ASP B 197 -26.06 -6.77 -10.03
CA ASP B 197 -25.17 -6.08 -9.10
C ASP B 197 -25.71 -6.17 -7.68
N ILE B 198 -24.80 -6.01 -6.71
CA ILE B 198 -25.10 -6.31 -5.32
C ILE B 198 -26.08 -5.35 -4.67
N ASP B 199 -26.41 -4.24 -5.34
CA ASP B 199 -27.46 -3.38 -4.86
C ASP B 199 -28.84 -3.82 -5.34
N ARG B 200 -28.92 -4.87 -6.17
CA ARG B 200 -30.17 -5.41 -6.69
C ARG B 200 -30.71 -6.52 -5.79
N GLN B 201 -31.92 -6.96 -6.11
CA GLN B 201 -32.56 -8.09 -5.41
C GLN B 201 -32.68 -9.26 -6.38
N PRO B 202 -31.88 -10.32 -6.27
CA PRO B 202 -31.88 -11.36 -7.30
C PRO B 202 -33.14 -12.21 -7.28
N GLY B 203 -33.65 -12.49 -8.48
CA GLY B 203 -34.76 -13.41 -8.64
C GLY B 203 -34.28 -14.79 -9.06
N LEU B 204 -35.26 -15.62 -9.46
CA LEU B 204 -34.95 -16.97 -9.94
C LEU B 204 -34.07 -16.86 -11.17
N GLY B 205 -33.00 -17.67 -11.21
CA GLY B 205 -32.03 -17.60 -12.27
C GLY B 205 -30.92 -16.59 -12.06
N GLN B 206 -30.99 -15.75 -11.02
CA GLN B 206 -30.03 -14.66 -10.88
C GLN B 206 -29.07 -14.85 -9.72
N VAL B 207 -27.85 -14.36 -9.93
CA VAL B 207 -26.76 -14.43 -8.96
C VAL B 207 -26.11 -13.06 -8.86
N TYR B 208 -25.76 -12.65 -7.64
CA TYR B 208 -24.92 -11.47 -7.45
C TYR B 208 -23.57 -11.65 -8.15
N ASP B 209 -23.07 -10.56 -8.71
CA ASP B 209 -21.73 -10.54 -9.31
C ASP B 209 -20.72 -10.41 -8.17
N VAL B 210 -20.19 -11.56 -7.73
CA VAL B 210 -19.18 -11.62 -6.67
C VAL B 210 -17.80 -11.32 -7.22
N ASN B 211 -17.48 -11.87 -8.41
CA ASN B 211 -16.10 -11.92 -8.87
C ASN B 211 -15.52 -10.54 -9.15
N SER B 212 -16.32 -9.61 -9.70
CA SER B 212 -15.73 -8.32 -10.04
C SER B 212 -15.21 -7.60 -8.78
N TYR B 213 -15.89 -7.76 -7.63
CA TYR B 213 -15.45 -7.11 -6.40
C TYR B 213 -14.23 -7.81 -5.81
N SER B 214 -14.25 -9.15 -5.76
CA SER B 214 -13.15 -9.90 -5.14
C SER B 214 -11.88 -9.83 -5.96
N LEU B 215 -12.01 -9.91 -7.29
CA LEU B 215 -10.83 -9.90 -8.16
C LEU B 215 -10.25 -8.50 -8.33
N ALA B 216 -11.10 -7.47 -8.36
CA ALA B 216 -10.59 -6.11 -8.30
C ALA B 216 -9.82 -5.88 -7.01
N ALA B 217 -10.27 -6.47 -5.91
CA ALA B 217 -9.56 -6.33 -4.65
C ALA B 217 -8.25 -7.11 -4.69
N ALA B 218 -8.25 -8.31 -5.26
CA ALA B 218 -7.02 -9.08 -5.38
C ALA B 218 -6.01 -8.35 -6.25
N GLY B 219 -6.49 -7.69 -7.31
CA GLY B 219 -5.60 -6.91 -8.15
C GLY B 219 -5.02 -5.70 -7.43
N ARG B 220 -5.81 -5.05 -6.57
CA ARG B 220 -5.27 -3.96 -5.78
C ARG B 220 -4.22 -4.47 -4.80
N GLU B 221 -4.55 -5.57 -4.09
CA GLU B 221 -3.59 -6.19 -3.17
C GLU B 221 -2.29 -6.57 -3.87
N ALA B 222 -2.35 -6.97 -5.15
CA ALA B 222 -1.18 -7.39 -5.90
C ALA B 222 -0.32 -6.24 -6.40
N GLY B 223 -0.82 -5.01 -6.35
CA GLY B 223 -0.08 -3.86 -6.82
C GLY B 223 -0.53 -3.25 -8.12
N ALA B 224 -1.66 -3.66 -8.67
CA ALA B 224 -2.19 -3.10 -9.91
C ALA B 224 -2.99 -1.84 -9.62
N ASP B 225 -3.18 -1.06 -10.69
CA ASP B 225 -4.09 0.08 -10.72
C ASP B 225 -5.37 -0.43 -11.36
N VAL B 226 -6.40 -0.65 -10.55
CA VAL B 226 -7.54 -1.48 -10.94
C VAL B 226 -8.75 -0.60 -11.27
N TYR B 227 -9.37 -0.87 -12.41
CA TYR B 227 -10.72 -0.37 -12.70
C TYR B 227 -11.65 -1.56 -12.67
N ARG B 228 -12.59 -1.56 -11.72
CA ARG B 228 -13.60 -2.61 -11.67
C ARG B 228 -14.70 -2.21 -12.62
N TYR B 229 -14.70 -2.80 -13.83
CA TYR B 229 -15.75 -2.47 -14.78
C TYR B 229 -17.10 -2.98 -14.30
N GLY B 230 -17.12 -4.17 -13.68
CA GLY B 230 -18.37 -4.75 -13.25
C GLY B 230 -18.98 -5.58 -14.35
N ILE B 231 -20.31 -5.69 -14.36
CA ILE B 231 -21.01 -6.58 -15.29
C ILE B 231 -20.98 -6.00 -16.70
N ALA B 232 -20.64 -6.83 -17.68
CA ALA B 232 -20.75 -6.46 -19.09
C ALA B 232 -21.89 -7.27 -19.69
N ALA B 233 -22.98 -6.60 -20.06
CA ALA B 233 -24.18 -7.26 -20.55
C ALA B 233 -24.61 -6.70 -21.89
N GLY B 234 -25.27 -7.52 -22.69
CA GLY B 234 -25.73 -7.09 -23.99
C GLY B 234 -25.55 -8.11 -25.09
N GLU B 235 -25.95 -7.75 -26.31
CA GLU B 235 -25.60 -8.57 -27.46
C GLU B 235 -24.09 -8.54 -27.61
N PRO B 236 -23.50 -9.53 -28.29
CA PRO B 236 -22.03 -9.59 -28.35
C PRO B 236 -21.40 -8.37 -28.99
N ARG B 237 -22.09 -7.70 -29.93
CA ARG B 237 -21.57 -6.44 -30.48
C ARG B 237 -21.34 -5.42 -29.36
N ARG B 238 -22.30 -5.29 -28.44
CA ARG B 238 -22.13 -4.35 -27.34
C ARG B 238 -21.01 -4.79 -26.40
N ILE B 239 -20.87 -6.10 -26.19
CA ILE B 239 -19.83 -6.62 -25.33
C ILE B 239 -18.45 -6.41 -25.96
N LYS B 240 -18.36 -6.51 -27.29
CA LYS B 240 -17.12 -6.21 -27.98
C LYS B 240 -16.69 -4.77 -27.76
N GLU B 241 -17.65 -3.85 -27.89
CA GLU B 241 -17.40 -2.45 -27.57
C GLU B 241 -16.81 -2.30 -26.18
N ILE B 242 -17.41 -2.95 -25.19
CA ILE B 242 -16.94 -2.82 -23.82
C ILE B 242 -15.48 -3.26 -23.70
N ILE B 243 -15.17 -4.46 -24.22
CA ILE B 243 -13.82 -5.00 -24.12
C ILE B 243 -12.83 -4.11 -24.86
N GLU B 244 -13.21 -3.61 -26.05
CA GLU B 244 -12.33 -2.70 -26.79
C GLU B 244 -12.02 -1.44 -25.99
N SER B 245 -13.04 -0.85 -25.35
CA SER B 245 -12.84 0.31 -24.49
C SER B 245 -11.91 0.00 -23.32
N GLN B 246 -11.97 -1.21 -22.76
CA GLN B 246 -11.05 -1.53 -21.68
C GLN B 246 -9.63 -1.82 -22.17
N MET B 247 -9.50 -2.29 -23.41
CA MET B 247 -8.19 -2.53 -23.99
C MET B 247 -7.43 -1.23 -24.19
N LEU B 248 -8.15 -0.13 -24.38
CA LEU B 248 -7.51 1.14 -24.62
C LEU B 248 -6.72 1.63 -23.41
N ARG B 249 -7.08 1.19 -22.21
CA ARG B 249 -6.53 1.77 -20.99
C ARG B 249 -5.99 0.70 -20.05
N SER B 250 -5.58 -0.45 -20.56
CA SER B 250 -5.22 -1.56 -19.68
C SER B 250 -3.95 -2.25 -20.16
N GLU B 251 -3.14 -2.66 -19.19
CA GLU B 251 -2.04 -3.61 -19.40
C GLU B 251 -2.47 -5.06 -19.12
N ILE B 252 -3.55 -5.27 -18.38
CA ILE B 252 -4.08 -6.59 -18.02
C ILE B 252 -5.60 -6.52 -18.01
N ILE B 253 -6.25 -7.54 -18.57
CA ILE B 253 -7.70 -7.65 -18.51
C ILE B 253 -8.10 -8.98 -17.85
N VAL B 254 -9.11 -8.94 -16.98
CA VAL B 254 -9.63 -10.15 -16.34
C VAL B 254 -11.12 -10.24 -16.58
N ILE B 255 -11.56 -11.33 -17.21
CA ILE B 255 -12.96 -11.58 -17.52
C ILE B 255 -13.38 -12.91 -16.89
N THR B 256 -14.34 -12.88 -15.95
CA THR B 256 -14.96 -14.10 -15.46
C THR B 256 -16.28 -14.33 -16.18
N GLY B 257 -16.63 -15.61 -16.32
CA GLY B 257 -17.78 -16.05 -17.07
C GLY B 257 -17.53 -16.25 -18.55
N ALA B 258 -16.29 -16.12 -18.99
CA ALA B 258 -15.99 -16.27 -20.41
C ALA B 258 -15.69 -17.71 -20.78
N VAL B 259 -15.43 -18.56 -19.80
CA VAL B 259 -15.00 -19.93 -20.08
C VAL B 259 -15.86 -20.89 -19.27
N GLY B 260 -16.03 -22.10 -19.78
CA GLY B 260 -16.76 -23.09 -19.03
C GLY B 260 -18.07 -23.63 -19.60
N GLY B 261 -18.28 -23.58 -20.90
CA GLY B 261 -19.52 -24.12 -21.44
C GLY B 261 -19.96 -23.36 -22.68
N ALA B 262 -21.11 -23.80 -23.23
CA ALA B 262 -21.67 -23.19 -24.41
C ALA B 262 -22.29 -21.82 -24.15
N GLY B 263 -22.67 -21.50 -22.92
CA GLY B 263 -23.28 -20.21 -22.68
C GLY B 263 -22.36 -19.05 -22.97
N SER B 264 -21.04 -19.26 -22.93
CA SER B 264 -20.09 -18.18 -23.18
C SER B 264 -19.53 -18.19 -24.61
N ALA B 265 -20.12 -18.95 -25.54
CA ALA B 265 -19.56 -18.99 -26.89
C ALA B 265 -19.64 -17.62 -27.58
N GLY B 266 -20.72 -16.88 -27.36
CA GLY B 266 -20.84 -15.59 -28.00
C GLY B 266 -19.75 -14.62 -27.57
N VAL B 267 -19.43 -14.61 -26.27
CA VAL B 267 -18.37 -13.75 -25.77
C VAL B 267 -17.02 -14.24 -26.25
N ARG B 268 -16.82 -15.55 -26.26
CA ARG B 268 -15.55 -16.08 -26.73
C ARG B 268 -15.33 -15.74 -28.20
N GLN B 269 -16.40 -15.74 -28.98
CA GLN B 269 -16.27 -15.38 -30.39
C GLN B 269 -15.88 -13.91 -30.53
N VAL B 270 -16.43 -13.03 -29.69
CA VAL B 270 -15.99 -11.65 -29.71
C VAL B 270 -14.50 -11.54 -29.39
N LEU B 271 -14.04 -12.30 -28.39
CA LEU B 271 -12.62 -12.26 -27.98
C LEU B 271 -11.70 -12.75 -29.10
N ASN B 272 -12.12 -13.76 -29.85
CA ASN B 272 -11.34 -14.23 -31.00
C ASN B 272 -11.29 -13.21 -32.13
N GLU B 273 -12.26 -12.30 -32.21
CA GLU B 273 -12.18 -11.19 -33.15
C GLU B 273 -11.29 -10.06 -32.65
N LEU B 274 -11.02 -10.02 -31.35
CA LEU B 274 -10.10 -9.01 -30.83
C LEU B 274 -8.68 -9.55 -30.65
N GLY B 275 -8.49 -10.85 -30.69
CA GLY B 275 -7.15 -11.37 -30.49
C GLY B 275 -7.14 -12.88 -30.60
N ASP B 276 -6.03 -13.47 -30.13
CA ASP B 276 -5.79 -14.90 -30.16
C ASP B 276 -6.13 -15.46 -28.80
N ILE B 277 -7.02 -16.45 -28.76
CA ILE B 277 -7.55 -16.95 -27.51
C ILE B 277 -7.24 -18.43 -27.37
N ASP B 278 -6.71 -18.81 -26.21
CA ASP B 278 -6.36 -20.20 -25.90
C ASP B 278 -7.17 -20.61 -24.68
N THR B 279 -7.92 -21.73 -24.80
CA THR B 279 -8.75 -22.22 -23.71
C THR B 279 -8.42 -23.65 -23.33
N GLU B 280 -7.17 -24.06 -23.50
CA GLU B 280 -6.75 -25.36 -23.01
C GLU B 280 -6.70 -25.36 -21.48
N ARG B 281 -7.12 -26.47 -20.89
CA ARG B 281 -7.18 -26.54 -19.44
C ARG B 281 -5.78 -26.69 -18.83
N VAL B 282 -5.65 -26.24 -17.58
CA VAL B 282 -4.43 -26.46 -16.79
C VAL B 282 -4.66 -27.61 -15.82
N ALA B 283 -3.65 -28.47 -15.67
CA ALA B 283 -3.69 -29.65 -14.79
C ALA B 283 -3.55 -29.22 -13.34
N MET B 284 -4.63 -28.67 -12.81
CA MET B 284 -4.68 -28.14 -11.45
C MET B 284 -6.09 -28.30 -10.92
N HIS B 285 -6.22 -28.30 -9.59
CA HIS B 285 -7.54 -28.23 -9.00
C HIS B 285 -7.42 -27.42 -7.71
N PRO B 286 -8.33 -26.47 -7.47
CA PRO B 286 -9.39 -26.04 -8.40
C PRO B 286 -8.80 -25.21 -9.52
N GLY B 287 -9.60 -24.82 -10.52
CA GLY B 287 -9.17 -23.89 -11.53
C GLY B 287 -8.63 -24.47 -12.81
N SER B 288 -8.85 -25.76 -13.07
CA SER B 288 -8.42 -26.35 -14.35
C SER B 288 -9.10 -25.69 -15.54
N VAL B 289 -10.31 -25.16 -15.36
CA VAL B 289 -11.04 -24.52 -16.44
C VAL B 289 -10.76 -23.01 -16.39
N GLN B 290 -9.99 -22.54 -17.37
CA GLN B 290 -9.54 -21.16 -17.50
C GLN B 290 -9.11 -20.95 -18.95
N GLY B 291 -8.77 -19.71 -19.28
CA GLY B 291 -8.33 -19.40 -20.61
C GLY B 291 -7.39 -18.20 -20.57
N PHE B 292 -6.67 -18.01 -21.66
CA PHE B 292 -5.74 -16.91 -21.75
C PHE B 292 -5.65 -16.44 -23.19
N GLY B 293 -5.56 -15.11 -23.36
CA GLY B 293 -5.55 -14.54 -24.70
C GLY B 293 -4.79 -13.24 -24.69
N LEU B 294 -4.48 -12.78 -25.90
CA LEU B 294 -3.77 -11.54 -26.12
C LEU B 294 -4.58 -10.68 -27.07
N LEU B 295 -5.01 -9.51 -26.59
CA LEU B 295 -5.97 -8.67 -27.29
C LEU B 295 -5.28 -7.47 -27.92
N GLY B 296 -5.65 -7.18 -29.17
CA GLY B 296 -5.23 -5.97 -29.85
C GLY B 296 -3.84 -6.07 -30.45
N GLU B 297 -3.45 -4.98 -31.11
CA GLU B 297 -2.13 -4.91 -31.74
C GLU B 297 -1.01 -4.92 -30.72
N ASN B 298 -1.27 -4.52 -29.47
CA ASN B 298 -0.26 -4.60 -28.42
C ASN B 298 -0.38 -5.87 -27.56
N LYS B 299 -1.29 -6.78 -27.92
CA LYS B 299 -1.36 -8.11 -27.31
C LYS B 299 -1.51 -8.05 -25.79
N ILE B 300 -2.53 -7.34 -25.33
CA ILE B 300 -2.76 -7.17 -23.88
C ILE B 300 -3.11 -8.53 -23.27
N PRO B 301 -2.42 -8.94 -22.20
CA PRO B 301 -2.81 -10.19 -21.50
C PRO B 301 -4.24 -10.10 -21.03
N CYS B 302 -5.02 -11.12 -21.37
CA CYS B 302 -6.42 -11.17 -21.02
C CYS B 302 -6.71 -12.53 -20.38
N PHE B 303 -7.02 -12.52 -19.07
CA PHE B 303 -7.25 -13.78 -18.35
C PHE B 303 -8.75 -14.10 -18.38
N LEU B 304 -9.09 -15.27 -18.91
CA LEU B 304 -10.46 -15.78 -18.89
C LEU B 304 -10.60 -16.74 -17.71
N LEU B 305 -11.34 -16.30 -16.70
CA LEU B 305 -11.60 -17.02 -15.48
C LEU B 305 -13.03 -17.58 -15.48
N PRO B 306 -13.34 -18.53 -14.60
CA PRO B 306 -14.69 -19.08 -14.54
C PRO B 306 -15.57 -18.32 -13.54
N SER B 307 -16.86 -18.60 -13.59
CA SER B 307 -17.81 -17.96 -12.67
C SER B 307 -17.59 -18.40 -11.22
N ASN B 308 -16.98 -19.55 -11.00
CA ASN B 308 -16.77 -20.05 -9.66
C ASN B 308 -15.87 -19.11 -8.86
N PRO B 309 -16.34 -18.55 -7.74
CA PRO B 309 -15.54 -17.52 -7.07
C PRO B 309 -14.26 -18.05 -6.42
N VAL B 310 -14.30 -19.28 -5.87
CA VAL B 310 -13.12 -19.88 -5.25
C VAL B 310 -12.06 -20.24 -6.29
N ALA B 311 -12.48 -20.92 -7.36
CA ALA B 311 -11.55 -21.24 -8.44
C ALA B 311 -10.91 -19.97 -9.01
N SER B 312 -11.71 -18.89 -9.10
CA SER B 312 -11.23 -17.64 -9.67
C SER B 312 -10.14 -17.01 -8.82
N LEU B 313 -10.31 -17.00 -7.49
CA LEU B 313 -9.26 -16.47 -6.61
C LEU B 313 -7.98 -17.31 -6.70
N VAL B 314 -8.14 -18.63 -6.87
CA VAL B 314 -6.95 -19.48 -6.99
C VAL B 314 -6.23 -19.21 -8.31
N ILE B 315 -6.96 -19.09 -9.41
CA ILE B 315 -6.34 -18.78 -10.69
C ILE B 315 -5.67 -17.42 -10.63
N PHE B 316 -6.35 -16.42 -10.04
CA PHE B 316 -5.78 -15.08 -9.92
C PHE B 316 -4.48 -15.12 -9.12
N GLU B 317 -4.49 -15.87 -8.01
CA GLU B 317 -3.30 -15.97 -7.16
C GLU B 317 -2.15 -16.65 -7.89
N THR B 318 -2.45 -17.64 -8.74
CA THR B 318 -1.43 -18.45 -9.37
C THR B 318 -0.83 -17.84 -10.64
N PHE B 319 -1.63 -17.15 -11.41
CA PHE B 319 -1.18 -16.72 -12.74
C PHE B 319 -1.29 -15.22 -12.94
N VAL B 320 -2.36 -14.59 -12.43
CA VAL B 320 -2.53 -13.15 -12.64
C VAL B 320 -1.56 -12.36 -11.76
N ARG B 321 -1.51 -12.67 -10.46
CA ARG B 321 -0.60 -11.98 -9.55
C ARG B 321 0.86 -11.99 -10.00
N PRO B 322 1.43 -13.10 -10.51
CA PRO B 322 2.81 -13.03 -11.04
C PRO B 322 2.97 -12.01 -12.17
N VAL B 323 1.99 -11.89 -13.06
CA VAL B 323 2.07 -10.96 -14.19
C VAL B 323 1.98 -9.53 -13.69
N VAL B 324 1.17 -9.29 -12.65
CA VAL B 324 1.12 -7.96 -12.05
C VAL B 324 2.48 -7.59 -11.48
N ARG B 325 3.14 -8.53 -10.77
CA ARG B 325 4.45 -8.24 -10.18
C ARG B 325 5.50 -7.98 -11.27
N MET B 326 5.43 -8.72 -12.37
CA MET B 326 6.37 -8.51 -13.46
C MET B 326 6.05 -7.22 -14.19
N SER B 327 4.76 -6.99 -14.51
CA SER B 327 4.34 -5.73 -15.10
C SER B 327 4.82 -4.56 -14.24
N LEU B 328 4.76 -4.73 -12.92
CA LEU B 328 5.13 -3.64 -12.03
C LEU B 328 6.61 -3.35 -12.12
N GLY B 329 7.43 -4.37 -12.37
CA GLY B 329 8.86 -4.19 -12.45
C GLY B 329 9.55 -3.89 -11.15
N LYS B 330 8.82 -3.91 -10.03
CA LYS B 330 9.45 -3.84 -8.72
C LYS B 330 9.81 -5.25 -8.28
N SER B 331 9.69 -5.54 -6.98
CA SER B 331 10.07 -6.86 -6.51
C SER B 331 9.16 -7.93 -7.12
N ASN B 332 9.61 -9.19 -7.03
CA ASN B 332 8.82 -10.31 -7.52
C ASN B 332 7.71 -10.68 -6.55
N ALA B 333 7.90 -10.38 -5.27
CA ALA B 333 6.94 -10.69 -4.22
C ALA B 333 6.47 -12.15 -4.29
N ALA B 334 7.35 -13.05 -4.77
CA ALA B 334 6.99 -14.46 -4.90
C ALA B 334 6.67 -15.01 -3.52
N ARG B 335 5.56 -15.74 -3.42
CA ARG B 335 5.07 -16.15 -2.11
C ARG B 335 6.05 -17.08 -1.43
N ARG B 336 6.27 -16.85 -0.14
CA ARG B 336 7.06 -17.79 0.65
C ARG B 336 6.33 -19.14 0.71
N VAL B 337 7.13 -20.21 0.74
CA VAL B 337 6.61 -21.58 0.81
C VAL B 337 7.26 -22.25 2.01
N VAL B 338 6.46 -22.60 3.03
CA VAL B 338 6.96 -23.26 4.23
C VAL B 338 6.47 -24.71 4.27
N ARG B 339 7.16 -25.52 5.06
CA ARG B 339 6.79 -26.91 5.29
C ARG B 339 6.01 -27.04 6.59
N ALA B 340 4.85 -27.68 6.54
CA ALA B 340 3.98 -27.75 7.71
C ALA B 340 3.42 -29.15 7.87
N ARG B 341 3.09 -29.49 9.12
CA ARG B 341 2.40 -30.73 9.43
C ARG B 341 0.89 -30.58 9.18
N ALA B 342 0.34 -31.49 8.39
CA ALA B 342 -1.08 -31.45 8.09
C ALA B 342 -1.89 -31.83 9.33
N LEU B 343 -2.89 -31.00 9.64
CA LEU B 343 -3.76 -31.25 10.78
C LEU B 343 -4.95 -32.17 10.48
N ASN B 344 -5.45 -32.20 9.24
CA ASN B 344 -6.61 -33.01 8.89
C ASN B 344 -6.40 -33.69 7.54
N HIS B 345 -7.34 -34.56 7.17
CA HIS B 345 -7.21 -35.31 5.93
C HIS B 345 -7.56 -34.43 4.74
N VAL B 346 -6.86 -34.63 3.62
CA VAL B 346 -7.17 -33.99 2.34
C VAL B 346 -7.01 -35.03 1.25
N VAL B 347 -7.93 -35.03 0.29
CA VAL B 347 -7.76 -35.84 -0.91
C VAL B 347 -7.39 -34.91 -2.06
N SER B 348 -6.76 -35.48 -3.10
CA SER B 348 -6.34 -34.68 -4.24
C SER B 348 -6.43 -35.55 -5.49
N VAL B 349 -6.57 -34.89 -6.65
CA VAL B 349 -6.81 -35.54 -7.93
C VAL B 349 -5.48 -35.98 -8.55
N ALA B 350 -5.40 -37.23 -8.96
CA ALA B 350 -4.19 -37.72 -9.62
C ALA B 350 -3.98 -37.00 -10.96
N GLY B 351 -2.81 -36.37 -11.10
CA GLY B 351 -2.43 -35.72 -12.32
C GLY B 351 -2.66 -34.22 -12.36
N ARG B 352 -3.26 -33.65 -11.31
CA ARG B 352 -3.46 -32.22 -11.19
C ARG B 352 -2.75 -31.73 -9.94
N LYS B 353 -2.06 -30.59 -10.05
CA LYS B 353 -1.53 -29.98 -8.85
C LYS B 353 -2.68 -29.40 -8.04
N GLY B 354 -2.71 -29.72 -6.75
CA GLY B 354 -3.74 -29.21 -5.86
C GLY B 354 -3.32 -27.92 -5.19
N PHE B 355 -4.28 -27.02 -5.03
CA PHE B 355 -4.12 -25.73 -4.36
C PHE B 355 -5.26 -25.63 -3.37
N ILE B 356 -5.03 -26.02 -2.12
CA ILE B 356 -6.10 -26.09 -1.13
C ILE B 356 -5.97 -24.89 -0.20
N ARG B 357 -6.98 -24.03 -0.17
CA ARG B 357 -6.96 -22.90 0.75
C ARG B 357 -7.02 -23.40 2.20
N SER B 358 -6.13 -22.85 3.05
CA SER B 358 -5.83 -23.48 4.32
C SER B 358 -5.52 -22.45 5.39
N ARG B 359 -5.40 -22.92 6.63
CA ARG B 359 -4.99 -22.10 7.77
C ARG B 359 -3.60 -22.54 8.20
N LEU B 360 -2.61 -21.66 8.02
CA LEU B 360 -1.26 -21.94 8.50
C LEU B 360 -1.11 -21.41 9.92
N MET B 361 -0.55 -22.23 10.82
CA MET B 361 -0.36 -21.86 12.22
C MET B 361 0.99 -22.34 12.74
N ARG B 362 1.35 -21.83 13.91
CA ARG B 362 2.55 -22.25 14.64
C ARG B 362 2.12 -23.02 15.87
N ASP B 363 2.72 -24.20 16.06
CA ASP B 363 2.43 -25.00 17.25
C ASP B 363 2.85 -24.25 18.49
N ALA B 364 1.96 -24.25 19.49
CA ALA B 364 2.20 -23.47 20.72
C ALA B 364 3.38 -24.01 21.52
N GLU B 365 3.72 -25.28 21.36
CA GLU B 365 4.82 -25.87 22.12
C GLU B 365 6.02 -26.26 21.27
N THR B 366 5.81 -26.94 20.14
CA THR B 366 6.94 -27.34 19.30
C THR B 366 7.51 -26.19 18.48
N GLN B 367 6.70 -25.20 18.14
CA GLN B 367 7.00 -24.06 17.24
C GLN B 367 6.94 -24.53 15.80
N ASP B 368 6.52 -25.78 15.56
CA ASP B 368 6.38 -26.34 14.22
C ASP B 368 5.27 -25.64 13.47
N TYR B 369 5.32 -25.71 12.15
CA TYR B 369 4.23 -25.18 11.37
C TYR B 369 3.14 -26.23 11.23
N LEU B 370 1.90 -25.83 11.50
CA LEU B 370 0.74 -26.68 11.30
C LEU B 370 -0.17 -26.05 10.25
N VAL B 371 -0.85 -26.88 9.48
CA VAL B 371 -1.75 -26.41 8.44
C VAL B 371 -3.07 -27.16 8.53
N GLU B 372 -4.17 -26.42 8.47
CA GLU B 372 -5.51 -26.98 8.47
C GLU B 372 -6.18 -26.60 7.15
N ALA B 373 -6.52 -27.62 6.36
CA ALA B 373 -7.24 -27.39 5.12
C ALA B 373 -8.67 -26.99 5.44
N LEU B 374 -9.21 -26.08 4.63
CA LEU B 374 -10.60 -25.69 4.77
C LEU B 374 -11.52 -26.35 3.75
N GLY B 375 -10.97 -27.06 2.77
CA GLY B 375 -11.77 -27.77 1.78
C GLY B 375 -11.36 -29.22 1.54
N HIS B 383 -18.90 -25.32 -1.84
CA HIS B 383 -19.28 -24.52 -0.68
C HIS B 383 -18.46 -23.22 -0.55
N LEU B 384 -19.18 -22.10 -0.62
CA LEU B 384 -18.60 -20.77 -0.70
C LEU B 384 -18.03 -20.29 0.63
N LEU B 385 -18.79 -20.52 1.71
CA LEU B 385 -18.39 -20.00 3.01
C LEU B 385 -17.07 -20.57 3.48
N ALA B 386 -16.87 -21.89 3.35
CA ALA B 386 -15.61 -22.45 3.78
C ALA B 386 -14.48 -22.06 2.83
N GLY B 387 -14.76 -22.02 1.52
CA GLY B 387 -13.74 -21.63 0.56
C GLY B 387 -13.28 -20.18 0.73
N LEU B 388 -14.23 -19.26 0.90
CA LEU B 388 -13.88 -17.86 1.10
C LEU B 388 -13.68 -17.47 2.55
N SER B 389 -13.75 -18.40 3.50
CA SER B 389 -13.52 -18.03 4.88
C SER B 389 -12.06 -17.61 5.01
N GLU B 390 -11.63 -17.23 6.21
CA GLU B 390 -10.31 -16.65 6.34
C GLU B 390 -9.22 -17.73 6.23
N ALA B 391 -8.50 -17.70 5.11
CA ALA B 391 -7.39 -18.57 4.77
C ALA B 391 -6.14 -17.71 4.58
N ASN B 392 -5.00 -18.16 5.08
CA ASN B 392 -3.75 -17.42 4.98
C ASN B 392 -2.70 -18.23 4.26
N GLY B 393 -3.09 -19.32 3.63
CA GLY B 393 -2.15 -20.16 2.93
C GLY B 393 -2.90 -21.06 1.98
N MET B 394 -2.13 -21.80 1.21
CA MET B 394 -2.63 -22.81 0.28
C MET B 394 -1.67 -23.97 0.34
N ILE B 395 -2.19 -25.17 0.65
CA ILE B 395 -1.39 -26.38 0.49
C ILE B 395 -1.20 -26.64 -1.00
N ARG B 396 0.04 -26.88 -1.41
CA ARG B 396 0.35 -27.19 -2.80
C ARG B 396 0.63 -28.69 -2.91
N ILE B 397 -0.31 -29.42 -3.49
CA ILE B 397 -0.27 -30.88 -3.56
C ILE B 397 0.28 -31.28 -4.93
N PRO B 398 1.36 -32.06 -4.99
CA PRO B 398 1.93 -32.45 -6.29
C PRO B 398 1.01 -33.35 -7.10
N GLU B 399 1.24 -33.34 -8.41
CA GLU B 399 0.37 -34.01 -9.38
C GLU B 399 0.03 -35.45 -8.98
N ASP B 400 1.00 -36.21 -8.46
CA ASP B 400 0.81 -37.63 -8.19
C ASP B 400 0.22 -37.93 -6.83
N VAL B 401 0.32 -37.01 -5.86
CA VAL B 401 -0.23 -37.27 -4.53
C VAL B 401 -1.75 -37.25 -4.59
N THR B 402 -2.38 -38.27 -4.03
CA THR B 402 -3.83 -38.32 -4.00
C THR B 402 -4.40 -38.22 -2.59
N GLU B 403 -3.55 -38.25 -1.56
CA GLU B 403 -4.01 -38.36 -0.19
C GLU B 403 -3.03 -37.68 0.76
N ILE B 404 -3.57 -36.90 1.71
CA ILE B 404 -2.78 -36.27 2.76
C ILE B 404 -3.39 -36.66 4.10
N ARG B 405 -2.56 -37.32 4.97
CA ARG B 405 -3.01 -37.71 6.30
C ARG B 405 -2.46 -36.77 7.36
N PRO B 406 -3.20 -36.55 8.45
CA PRO B 406 -2.67 -35.75 9.56
C PRO B 406 -1.28 -36.25 9.95
N GLY B 407 -0.37 -35.31 10.13
CA GLY B 407 1.02 -35.61 10.37
C GLY B 407 1.90 -35.54 9.14
N ASP B 408 1.33 -35.65 7.94
CA ASP B 408 2.13 -35.50 6.74
C ASP B 408 2.73 -34.10 6.70
N VAL B 409 3.90 -33.98 6.09
CA VAL B 409 4.54 -32.68 5.93
C VAL B 409 4.31 -32.25 4.49
N VAL B 410 3.75 -31.06 4.32
CA VAL B 410 3.26 -30.61 3.03
C VAL B 410 3.83 -29.23 2.77
N ASP B 411 3.77 -28.82 1.51
CA ASP B 411 4.13 -27.46 1.12
C ASP B 411 2.95 -26.53 1.30
N VAL B 412 3.18 -25.40 1.95
CA VAL B 412 2.15 -24.39 2.14
C VAL B 412 2.62 -23.08 1.52
N ILE B 413 1.87 -22.61 0.51
CA ILE B 413 2.06 -21.26 0.00
C ILE B 413 1.52 -20.27 1.03
N PHE B 414 2.38 -19.40 1.54
CA PHE B 414 1.94 -18.45 2.55
C PHE B 414 1.33 -17.23 1.87
N LEU B 415 0.06 -16.96 2.17
CA LEU B 415 -0.64 -15.84 1.56
C LEU B 415 -0.57 -14.70 2.56
N ALA B 416 0.51 -13.92 2.49
CA ALA B 416 0.73 -12.82 3.42
C ALA B 416 -0.37 -11.79 3.29
N GLN B 417 -0.81 -11.24 4.43
CA GLN B 417 -1.91 -10.27 4.41
C GLN B 417 -1.50 -9.03 3.64
N GLY B 418 -2.27 -8.69 2.62
CA GLY B 418 -2.13 -7.42 1.94
C GLY B 418 -1.30 -7.45 0.67
N ASP C 2 10.12 -17.69 12.72
CA ASP C 2 10.20 -16.85 11.54
C ASP C 2 8.87 -16.16 11.20
N LEU C 3 7.93 -16.89 10.61
CA LEU C 3 6.71 -16.31 10.03
C LEU C 3 5.76 -15.80 11.10
N ASP C 4 4.85 -14.92 10.69
CA ASP C 4 3.84 -14.36 11.58
C ASP C 4 2.50 -15.01 11.26
N VAL C 5 2.21 -16.10 11.97
CA VAL C 5 0.98 -16.85 11.77
C VAL C 5 0.26 -16.96 13.11
N PRO C 6 -1.00 -17.37 13.14
CA PRO C 6 -1.65 -17.66 14.43
C PRO C 6 -1.01 -18.83 15.14
N SER C 7 -1.21 -18.86 16.45
CA SER C 7 -0.77 -19.96 17.30
C SER C 7 -1.89 -20.97 17.49
N PHE C 8 -1.50 -22.18 17.91
CA PHE C 8 -2.41 -23.31 17.98
C PHE C 8 -1.85 -24.30 19.01
N LEU C 9 -2.73 -24.86 19.84
CA LEU C 9 -2.31 -25.83 20.84
C LEU C 9 -2.79 -27.23 20.46
N ASP D 2 17.42 -12.63 5.06
CA ASP D 2 16.06 -12.40 5.51
C ASP D 2 15.57 -11.00 5.13
N LEU D 3 16.51 -10.06 4.95
CA LEU D 3 16.20 -8.67 4.68
C LEU D 3 16.76 -8.27 3.33
N ASP D 4 15.94 -7.61 2.52
CA ASP D 4 16.39 -7.06 1.24
C ASP D 4 17.17 -5.78 1.49
N VAL D 5 18.49 -5.84 1.31
CA VAL D 5 19.37 -4.69 1.47
C VAL D 5 20.40 -4.72 0.36
N PRO D 6 21.08 -3.60 0.09
CA PRO D 6 22.18 -3.64 -0.90
C PRO D 6 23.39 -4.44 -0.44
N SER D 7 24.41 -4.54 -1.29
CA SER D 7 25.65 -5.25 -0.94
C SER D 7 26.79 -4.30 -0.60
NA NA E . 23.68 8.83 22.92
S SO4 F . -26.46 -2.35 2.33
O1 SO4 F . -25.00 -2.33 2.28
O2 SO4 F . -26.81 -2.49 3.75
O3 SO4 F . -27.02 -1.10 1.80
O4 SO4 F . -26.94 -3.50 1.55
S SO4 G . -2.16 -1.41 7.25
O1 SO4 G . -1.93 0.02 7.44
O2 SO4 G . -2.24 -2.06 8.56
O3 SO4 G . -1.08 -1.93 6.44
O4 SO4 G . -3.42 -1.66 6.53
S SO4 H . 13.21 22.04 28.62
O1 SO4 H . 14.37 22.83 28.20
O2 SO4 H . 13.53 21.32 29.85
O3 SO4 H . 12.83 21.14 27.53
O4 SO4 H . 12.07 22.91 28.89
S SO4 I . 18.24 19.00 17.38
O1 SO4 I . 18.82 17.90 18.21
O2 SO4 I . 19.09 20.18 17.49
O3 SO4 I . 16.88 19.35 17.86
O4 SO4 I . 18.19 18.61 15.97
NA NA J . -2.42 -34.35 -7.06
S SO4 K . 4.52 -2.89 -4.18
O1 SO4 K . 4.77 -3.65 -2.96
O2 SO4 K . 4.28 -1.49 -3.87
O3 SO4 K . 5.68 -3.02 -5.08
O4 SO4 K . 3.33 -3.45 -4.83
S SO4 L . -11.92 -27.35 -11.25
O1 SO4 L . -12.50 -28.40 -10.38
O2 SO4 L . -11.93 -26.05 -10.55
O3 SO4 L . -12.69 -27.16 -12.51
O4 SO4 L . -10.56 -27.80 -11.58
S SO4 M . -8.20 -29.66 -23.20
O1 SO4 M . -7.40 -29.14 -22.08
O2 SO4 M . -8.78 -30.96 -22.86
O3 SO4 M . -7.32 -29.80 -24.37
O4 SO4 M . -9.29 -28.71 -23.44
S SO4 N . 9.11 20.29 -12.82
O1 SO4 N . 9.67 19.00 -12.41
O2 SO4 N . 8.99 21.21 -11.68
O3 SO4 N . 10.00 20.87 -13.83
O4 SO4 N . 7.77 20.08 -13.39
#